data_7QLS
#
_entry.id   7QLS
#
_cell.length_a   61.262
_cell.length_b   86.432
_cell.length_c   137.833
_cell.angle_alpha   90.000
_cell.angle_beta   90.000
_cell.angle_gamma   90.000
#
_symmetry.space_group_name_H-M   'P 21 21 21'
#
loop_
_entity.id
_entity.type
_entity.pdbx_description
1 polymer 'Lactaldehyde reductase'
2 non-polymer 2-(3,4-dimethoxyphenyl)ethanamide
3 non-polymer ADENOSINE-5-DIPHOSPHORIBOSE
4 non-polymer 'FE (III) ION'
5 water water
#
_entity_poly.entity_id   1
_entity_poly.type   'polypeptide(L)'
_entity_poly.pdbx_seq_one_letter_code
;MMANRMILNETAWFGRGAVGALTDEVKRRGYQKALIVTDKTLVQCGVVAKVTDKMDAAGLAWAIYDGVVPNPTITVVKEG
LGVFQNSGADYLIAIGGGSPQDTCKAIGIISNNPEFADVRSLEGLSPTNKPSVPILAIPTTAGTAAEVTIGYVITDEEKR
RKFVCVDPHDIPQVAFIDADMMDGMPPALKAATGVDALTHAIEGYITRGAWALTDALHIKAIEIIAGALRGSVAGDKDAG
EEMALGQYVAGMGFSNVGVGLVHGMAHPLGAFYNTPHGVANAILLPHVMRYNADFTGEKYRDIARVMGVKVEGMGLEEAR
NAAVEAVFALNRDVGIPPHLRDVGVRKEDIPALAQAALDDVCTGGNPREATLEDIVELYHTAWTSHHHHH
;
_entity_poly.pdbx_strand_id   AAA,BBB
#
loop_
_chem_comp.id
_chem_comp.type
_chem_comp.name
_chem_comp.formula
APR non-polymer ADENOSINE-5-DIPHOSPHORIBOSE 'C15 H23 N5 O14 P2'
E9I non-polymer 2-(3,4-dimethoxyphenyl)ethanamide 'C10 H13 N O3'
FE non-polymer 'FE (III) ION' 'Fe 3'
#
# COMPACT_ATOMS: atom_id res chain seq x y z
N ALA A 3 -10.54 14.91 -2.51
CA ALA A 3 -10.11 13.80 -1.59
C ALA A 3 -10.01 12.48 -2.37
N ASN A 4 -8.89 11.76 -2.25
CA ASN A 4 -8.61 10.53 -3.05
C ASN A 4 -8.68 9.28 -2.17
N ARG A 5 -9.22 8.20 -2.73
CA ARG A 5 -9.41 6.89 -2.06
C ARG A 5 -8.38 5.90 -2.59
N MET A 6 -7.87 5.05 -1.70
CA MET A 6 -7.00 3.90 -2.00
C MET A 6 -7.63 2.64 -1.40
N ILE A 7 -7.99 1.71 -2.28
CA ILE A 7 -8.30 0.29 -1.97
C ILE A 7 -7.03 -0.52 -2.24
N LEU A 8 -6.61 -1.32 -1.26
CA LEU A 8 -5.43 -2.21 -1.32
C LEU A 8 -5.80 -3.54 -0.65
N ASN A 9 -4.99 -4.56 -0.86
CA ASN A 9 -5.02 -5.82 -0.09
C ASN A 9 -4.71 -5.49 1.37
N GLU A 10 -5.54 -5.94 2.30
CA GLU A 10 -5.26 -5.86 3.76
C GLU A 10 -3.96 -6.62 4.04
N THR A 11 -3.78 -7.79 3.39
CA THR A 11 -2.67 -8.74 3.62
C THR A 11 -2.13 -9.18 2.26
N ALA A 12 -0.81 -9.19 2.10
CA ALA A 12 -0.12 -9.76 0.92
C ALA A 12 1.25 -10.30 1.35
N TRP A 13 1.71 -11.34 0.67
CA TRP A 13 3.05 -11.95 0.89
C TRP A 13 3.86 -11.83 -0.40
N PHE A 14 5.13 -11.41 -0.31
CA PHE A 14 6.00 -11.13 -1.48
C PHE A 14 7.25 -12.00 -1.41
N GLY A 15 7.71 -12.47 -2.58
CA GLY A 15 9.00 -13.16 -2.75
C GLY A 15 8.81 -14.63 -3.04
N ARG A 16 9.89 -15.31 -3.45
CA ARG A 16 9.90 -16.77 -3.74
C ARG A 16 9.54 -17.52 -2.47
N GLY A 17 8.57 -18.43 -2.54
CA GLY A 17 8.10 -19.23 -1.40
C GLY A 17 6.87 -18.63 -0.74
N ALA A 18 6.38 -17.48 -1.21
CA ALA A 18 5.26 -16.74 -0.58
C ALA A 18 3.98 -17.61 -0.52
N VAL A 19 3.77 -18.56 -1.44
CA VAL A 19 2.56 -19.44 -1.42
C VAL A 19 2.60 -20.36 -0.20
N GLY A 20 3.77 -20.49 0.44
CA GLY A 20 3.97 -21.27 1.67
C GLY A 20 3.23 -20.68 2.86
N ALA A 21 2.76 -19.44 2.74
CA ALA A 21 2.04 -18.72 3.82
C ALA A 21 0.53 -18.96 3.74
N LEU A 22 0.02 -19.51 2.63
CA LEU A 22 -1.45 -19.65 2.41
C LEU A 22 -2.11 -20.55 3.47
N THR A 23 -1.56 -21.73 3.71
CA THR A 23 -2.16 -22.73 4.63
C THR A 23 -2.39 -22.06 5.99
N ASP A 24 -1.43 -21.26 6.45
CA ASP A 24 -1.48 -20.50 7.72
C ASP A 24 -2.60 -19.44 7.67
N GLU A 25 -2.69 -18.68 6.57
CA GLU A 25 -3.68 -17.58 6.40
C GLU A 25 -5.10 -18.16 6.38
N VAL A 26 -5.31 -19.30 5.72
CA VAL A 26 -6.63 -19.99 5.62
C VAL A 26 -7.04 -20.46 7.02
N LYS A 27 -6.11 -21.03 7.80
CA LYS A 27 -6.38 -21.58 9.16
C LYS A 27 -6.73 -20.45 10.14
N ARG A 28 -6.07 -19.30 10.02
CA ARG A 28 -6.28 -18.11 10.89
C ARG A 28 -7.63 -17.45 10.57
N ARG A 29 -8.22 -17.73 9.41
CA ARG A 29 -9.53 -17.14 8.97
C ARG A 29 -10.66 -18.18 9.10
N GLY A 30 -10.34 -19.44 9.41
CA GLY A 30 -11.30 -20.52 9.72
C GLY A 30 -12.13 -20.96 8.53
N TYR A 31 -11.65 -20.78 7.30
CA TYR A 31 -12.33 -21.21 6.05
C TYR A 31 -12.22 -22.74 5.94
N GLN A 32 -13.29 -23.39 5.41
CA GLN A 32 -13.48 -24.86 5.44
C GLN A 32 -13.07 -25.50 4.12
N LYS A 33 -13.51 -24.95 2.97
CA LYS A 33 -13.26 -25.58 1.65
C LYS A 33 -13.11 -24.49 0.57
N ALA A 34 -12.06 -24.61 -0.24
CA ALA A 34 -11.72 -23.71 -1.36
C ALA A 34 -12.27 -24.26 -2.68
N LEU A 35 -12.75 -23.39 -3.56
CA LEU A 35 -12.78 -23.64 -5.01
C LEU A 35 -11.61 -22.88 -5.65
N ILE A 36 -10.65 -23.61 -6.19
CA ILE A 36 -9.50 -23.06 -6.97
C ILE A 36 -9.98 -22.78 -8.39
N VAL A 37 -9.90 -21.52 -8.83
CA VAL A 37 -10.22 -21.08 -10.21
C VAL A 37 -8.90 -20.86 -10.97
N THR A 38 -8.71 -21.63 -12.04
CA THR A 38 -7.45 -21.73 -12.80
C THR A 38 -7.81 -22.10 -14.24
N ASP A 39 -6.81 -22.41 -15.08
CA ASP A 39 -7.01 -22.90 -16.47
C ASP A 39 -6.28 -24.23 -16.63
N LYS A 40 -6.48 -24.91 -17.77
CA LYS A 40 -5.91 -26.27 -17.99
C LYS A 40 -4.37 -26.20 -17.93
N THR A 41 -3.74 -25.25 -18.62
CA THR A 41 -2.25 -25.17 -18.75
C THR A 41 -1.59 -25.21 -17.36
N LEU A 42 -2.18 -24.55 -16.37
CA LEU A 42 -1.58 -24.41 -15.02
C LEU A 42 -1.77 -25.72 -14.22
N VAL A 43 -2.78 -26.53 -14.53
CA VAL A 43 -2.93 -27.91 -13.96
C VAL A 43 -1.84 -28.80 -14.58
N GLN A 44 -1.72 -28.74 -15.90
CA GLN A 44 -0.84 -29.57 -16.78
C GLN A 44 0.66 -29.29 -16.51
N CYS A 45 1.05 -28.08 -16.12
CA CYS A 45 2.45 -27.66 -15.85
C CYS A 45 2.83 -27.88 -14.38
N GLY A 46 1.89 -28.36 -13.56
CA GLY A 46 2.12 -28.72 -12.14
C GLY A 46 2.10 -27.53 -11.20
N VAL A 47 1.69 -26.36 -11.70
CA VAL A 47 1.71 -25.06 -10.96
C VAL A 47 0.61 -25.12 -9.90
N VAL A 48 -0.60 -25.56 -10.28
CA VAL A 48 -1.76 -25.71 -9.35
C VAL A 48 -1.35 -26.68 -8.24
N ALA A 49 -0.67 -27.77 -8.61
CA ALA A 49 -0.24 -28.87 -7.71
C ALA A 49 0.70 -28.33 -6.62
N LYS A 50 1.52 -27.30 -6.93
CA LYS A 50 2.41 -26.67 -5.92
C LYS A 50 1.58 -26.16 -4.73
N VAL A 51 0.35 -25.74 -4.97
CA VAL A 51 -0.58 -25.17 -3.94
C VAL A 51 -1.40 -26.30 -3.30
N THR A 52 -1.98 -27.20 -4.12
CA THR A 52 -2.89 -28.27 -3.64
C THR A 52 -2.11 -29.29 -2.81
N ASP A 53 -0.79 -29.42 -3.04
CA ASP A 53 0.11 -30.30 -2.25
C ASP A 53 0.22 -29.75 -0.82
N LYS A 54 0.49 -28.45 -0.68
CA LYS A 54 0.64 -27.75 0.63
C LYS A 54 -0.68 -27.79 1.40
N MET A 55 -1.80 -27.70 0.68
CA MET A 55 -3.17 -27.69 1.27
C MET A 55 -3.52 -29.11 1.78
N ASP A 56 -3.09 -30.14 1.06
CA ASP A 56 -3.26 -31.57 1.47
C ASP A 56 -2.52 -31.80 2.80
N ALA A 57 -1.27 -31.33 2.87
CA ALA A 57 -0.34 -31.50 4.01
C ALA A 57 -0.90 -30.81 5.27
N ALA A 58 -1.67 -29.72 5.11
CA ALA A 58 -2.31 -28.99 6.23
C ALA A 58 -3.76 -29.45 6.42
N GLY A 59 -4.23 -30.38 5.57
CA GLY A 59 -5.56 -31.00 5.65
C GLY A 59 -6.68 -30.04 5.30
N LEU A 60 -6.47 -29.16 4.30
CA LEU A 60 -7.47 -28.15 3.86
C LEU A 60 -8.12 -28.62 2.55
N ALA A 61 -9.44 -28.71 2.53
CA ALA A 61 -10.24 -29.29 1.42
C ALA A 61 -10.28 -28.28 0.26
N TRP A 62 -10.38 -28.79 -0.97
CA TRP A 62 -10.44 -28.00 -2.23
C TRP A 62 -11.14 -28.78 -3.33
N ALA A 63 -11.90 -28.08 -4.18
CA ALA A 63 -12.32 -28.51 -5.53
C ALA A 63 -11.65 -27.56 -6.53
N ILE A 64 -11.62 -27.94 -7.81
CA ILE A 64 -10.95 -27.19 -8.91
C ILE A 64 -11.96 -26.92 -10.03
N TYR A 65 -12.01 -25.68 -10.52
CA TYR A 65 -12.59 -25.29 -11.83
C TYR A 65 -11.47 -24.77 -12.73
N ASP A 66 -11.23 -25.44 -13.87
CA ASP A 66 -10.12 -25.15 -14.81
C ASP A 66 -10.64 -24.82 -16.22
N GLY A 67 -11.89 -24.35 -16.34
CA GLY A 67 -12.56 -24.05 -17.62
C GLY A 67 -12.26 -22.65 -18.14
N VAL A 68 -11.37 -21.90 -17.48
CA VAL A 68 -11.06 -20.48 -17.83
C VAL A 68 -10.27 -20.45 -19.13
N VAL A 69 -10.72 -19.65 -20.10
CA VAL A 69 -10.02 -19.37 -21.38
C VAL A 69 -9.48 -17.95 -21.34
N PRO A 70 -8.40 -17.66 -22.09
CA PRO A 70 -7.93 -16.27 -22.26
C PRO A 70 -9.09 -15.33 -22.65
N ASN A 71 -9.16 -14.16 -22.02
CA ASN A 71 -10.24 -13.17 -22.21
C ASN A 71 -11.55 -13.85 -21.79
N PRO A 72 -11.69 -14.13 -20.47
CA PRO A 72 -12.80 -14.93 -19.97
C PRO A 72 -14.15 -14.36 -20.42
N THR A 73 -15.07 -15.27 -20.76
CA THR A 73 -16.40 -14.96 -21.33
C THR A 73 -17.47 -15.01 -20.23
N ILE A 74 -18.64 -14.48 -20.53
CA ILE A 74 -19.88 -14.61 -19.70
C ILE A 74 -20.13 -16.11 -19.45
N THR A 75 -20.05 -16.94 -20.49
CA THR A 75 -20.24 -18.42 -20.45
C THR A 75 -19.34 -19.03 -19.37
N VAL A 76 -18.05 -18.67 -19.39
CA VAL A 76 -17.01 -19.20 -18.46
C VAL A 76 -17.33 -18.78 -17.03
N VAL A 77 -17.76 -17.53 -16.82
CA VAL A 77 -18.16 -17.01 -15.48
C VAL A 77 -19.32 -17.86 -14.97
N LYS A 78 -20.41 -17.95 -15.76
CA LYS A 78 -21.65 -18.70 -15.42
C LYS A 78 -21.28 -20.15 -15.06
N GLU A 79 -20.49 -20.81 -15.90
CA GLU A 79 -20.06 -22.23 -15.75
C GLU A 79 -19.29 -22.39 -14.42
N GLY A 80 -18.36 -21.49 -14.15
CA GLY A 80 -17.55 -21.47 -12.91
C GLY A 80 -18.40 -21.24 -11.67
N LEU A 81 -19.37 -20.33 -11.76
CA LEU A 81 -20.31 -20.00 -10.66
C LEU A 81 -21.15 -21.26 -10.34
N GLY A 82 -21.62 -21.95 -11.38
CA GLY A 82 -22.32 -23.24 -11.28
C GLY A 82 -21.52 -24.25 -10.47
N VAL A 83 -20.22 -24.41 -10.78
CA VAL A 83 -19.31 -25.37 -10.09
C VAL A 83 -19.16 -24.95 -8.62
N PHE A 84 -19.01 -23.65 -8.35
CA PHE A 84 -18.76 -23.11 -6.99
C PHE A 84 -19.94 -23.47 -6.07
N GLN A 85 -21.17 -23.30 -6.55
CA GLN A 85 -22.43 -23.54 -5.77
C GLN A 85 -22.59 -25.03 -5.44
N ASN A 86 -22.17 -25.92 -6.34
CA ASN A 86 -22.28 -27.40 -6.19
C ASN A 86 -21.02 -27.97 -5.54
N SER A 87 -20.01 -27.15 -5.22
CA SER A 87 -18.71 -27.58 -4.64
C SER A 87 -18.79 -27.62 -3.11
N GLY A 88 -19.68 -26.82 -2.49
CA GLY A 88 -19.76 -26.64 -1.03
C GLY A 88 -18.59 -25.81 -0.48
N ALA A 89 -17.87 -25.08 -1.33
CA ALA A 89 -16.77 -24.18 -0.94
C ALA A 89 -17.37 -22.95 -0.24
N ASP A 90 -16.61 -22.38 0.70
CA ASP A 90 -16.94 -21.08 1.39
C ASP A 90 -15.86 -20.03 1.08
N TYR A 91 -14.88 -20.32 0.22
CA TYR A 91 -13.88 -19.32 -0.26
C TYR A 91 -13.29 -19.74 -1.61
N LEU A 92 -12.55 -18.82 -2.21
CA LEU A 92 -11.99 -18.93 -3.59
C LEU A 92 -10.48 -18.74 -3.54
N ILE A 93 -9.74 -19.56 -4.30
CA ILE A 93 -8.29 -19.35 -4.55
C ILE A 93 -8.12 -19.14 -6.07
N ALA A 94 -7.69 -17.94 -6.47
CA ALA A 94 -7.36 -17.60 -7.88
C ALA A 94 -5.91 -18.00 -8.15
N ILE A 95 -5.70 -18.95 -9.07
CA ILE A 95 -4.34 -19.36 -9.53
C ILE A 95 -4.27 -19.15 -11.04
N GLY A 96 -3.60 -18.08 -11.45
CA GLY A 96 -3.36 -17.74 -12.86
C GLY A 96 -3.17 -16.25 -13.06
N GLY A 97 -3.09 -15.83 -14.32
CA GLY A 97 -3.00 -14.39 -14.69
C GLY A 97 -4.35 -13.72 -14.58
N GLY A 98 -4.56 -12.65 -15.35
CA GLY A 98 -5.81 -11.88 -15.34
C GLY A 98 -7.03 -12.76 -15.60
N SER A 99 -6.94 -13.71 -16.53
CA SER A 99 -8.12 -14.46 -17.00
C SER A 99 -8.76 -15.22 -15.84
N PRO A 100 -8.04 -16.12 -15.12
CA PRO A 100 -8.63 -16.81 -13.96
C PRO A 100 -8.99 -15.88 -12.81
N GLN A 101 -8.12 -14.90 -12.50
CA GLN A 101 -8.32 -13.97 -11.37
C GLN A 101 -9.57 -13.11 -11.60
N ASP A 102 -9.79 -12.65 -12.84
CA ASP A 102 -10.98 -11.86 -13.25
C ASP A 102 -12.21 -12.78 -13.25
N THR A 103 -12.08 -14.01 -13.73
CA THR A 103 -13.18 -15.02 -13.69
C THR A 103 -13.56 -15.24 -12.22
N CYS A 104 -12.57 -15.39 -11.37
CA CYS A 104 -12.73 -15.68 -9.93
C CYS A 104 -13.49 -14.54 -9.24
N LYS A 105 -13.15 -13.28 -9.58
CA LYS A 105 -13.79 -12.09 -8.96
C LYS A 105 -15.29 -12.05 -9.33
N ALA A 106 -15.61 -12.31 -10.60
CA ALA A 106 -17.00 -12.34 -11.11
C ALA A 106 -17.80 -13.36 -10.29
N ILE A 107 -17.28 -14.59 -10.17
CA ILE A 107 -17.90 -15.71 -9.41
C ILE A 107 -18.13 -15.26 -7.96
N GLY A 108 -17.11 -14.70 -7.32
CA GLY A 108 -17.14 -14.28 -5.91
C GLY A 108 -18.16 -13.17 -5.68
N ILE A 109 -18.29 -12.25 -6.64
CA ILE A 109 -19.28 -11.14 -6.58
C ILE A 109 -20.69 -11.72 -6.73
N ILE A 110 -20.94 -12.44 -7.83
CA ILE A 110 -22.29 -12.89 -8.25
C ILE A 110 -22.86 -13.85 -7.21
N SER A 111 -22.01 -14.63 -6.54
CA SER A 111 -22.39 -15.61 -5.50
C SER A 111 -23.11 -14.92 -4.34
N ASN A 112 -22.65 -13.73 -3.94
CA ASN A 112 -23.16 -12.96 -2.78
C ASN A 112 -24.02 -11.79 -3.25
N ASN A 113 -24.12 -11.58 -4.56
CA ASN A 113 -25.03 -10.58 -5.19
C ASN A 113 -25.73 -11.26 -6.36
N PRO A 114 -26.67 -12.21 -6.08
CA PRO A 114 -27.23 -13.08 -7.12
C PRO A 114 -27.99 -12.39 -8.26
N GLU A 115 -28.33 -11.11 -8.10
CA GLU A 115 -29.07 -10.28 -9.10
C GLU A 115 -28.20 -9.94 -10.31
N PHE A 116 -26.92 -10.33 -10.30
CA PHE A 116 -25.96 -10.01 -11.39
C PHE A 116 -25.59 -11.29 -12.16
N ALA A 117 -26.46 -12.31 -12.11
CA ALA A 117 -26.21 -13.67 -12.67
C ALA A 117 -26.08 -13.60 -14.19
N ASP A 118 -26.61 -12.55 -14.84
CA ASP A 118 -26.49 -12.29 -16.29
C ASP A 118 -25.07 -11.81 -16.60
N VAL A 119 -24.36 -11.30 -15.59
CA VAL A 119 -22.89 -10.99 -15.60
C VAL A 119 -22.67 -9.60 -16.21
N ARG A 120 -23.33 -9.31 -17.34
CA ARG A 120 -23.06 -8.09 -18.16
C ARG A 120 -23.59 -6.84 -17.46
N SER A 121 -24.50 -7.01 -16.48
CA SER A 121 -25.07 -5.92 -15.63
C SER A 121 -24.06 -5.45 -14.57
N LEU A 122 -22.89 -6.10 -14.49
CA LEU A 122 -21.79 -5.77 -13.55
C LEU A 122 -20.95 -4.61 -14.12
N GLU A 123 -21.06 -4.31 -15.42
CA GLU A 123 -20.25 -3.28 -16.12
C GLU A 123 -20.30 -1.95 -15.34
N GLY A 124 -19.19 -1.20 -15.32
CA GLY A 124 -19.06 0.10 -14.65
C GLY A 124 -18.88 -0.07 -13.15
N LEU A 125 -19.25 0.95 -12.36
CA LEU A 125 -19.25 0.90 -10.87
C LEU A 125 -20.40 -0.01 -10.41
N SER A 126 -20.15 -1.33 -10.39
CA SER A 126 -21.11 -2.40 -9.97
C SER A 126 -21.79 -1.95 -8.69
N PRO A 127 -23.13 -1.76 -8.70
CA PRO A 127 -23.87 -1.40 -7.48
C PRO A 127 -24.17 -2.63 -6.61
N THR A 128 -23.12 -3.36 -6.20
CA THR A 128 -23.22 -4.56 -5.32
C THR A 128 -23.45 -4.10 -3.89
N ASN A 129 -24.22 -4.86 -3.11
CA ASN A 129 -24.60 -4.57 -1.70
C ASN A 129 -23.60 -5.24 -0.76
N LYS A 130 -23.10 -6.42 -1.12
CA LYS A 130 -22.34 -7.33 -0.22
C LYS A 130 -20.94 -7.58 -0.76
N PRO A 131 -19.92 -7.70 0.13
CA PRO A 131 -18.58 -8.12 -0.28
C PRO A 131 -18.62 -9.44 -1.05
N SER A 132 -17.62 -9.66 -1.91
CA SER A 132 -17.38 -10.93 -2.65
C SER A 132 -17.20 -12.08 -1.64
N VAL A 133 -17.46 -13.31 -2.09
CA VAL A 133 -16.92 -14.53 -1.42
C VAL A 133 -15.44 -14.27 -1.19
N PRO A 134 -14.89 -14.49 0.03
CA PRO A 134 -13.46 -14.24 0.28
C PRO A 134 -12.59 -14.86 -0.80
N ILE A 135 -11.70 -14.05 -1.40
CA ILE A 135 -10.74 -14.49 -2.47
C ILE A 135 -9.32 -14.45 -1.89
N LEU A 136 -8.56 -15.53 -2.10
CA LEU A 136 -7.07 -15.56 -1.95
C LEU A 136 -6.47 -15.67 -3.35
N ALA A 137 -5.59 -14.73 -3.73
CA ALA A 137 -5.13 -14.52 -5.12
C ALA A 137 -3.65 -14.89 -5.25
N ILE A 138 -3.33 -15.74 -6.24
CA ILE A 138 -1.95 -16.20 -6.56
C ILE A 138 -1.68 -15.96 -8.05
N PRO A 139 -1.06 -14.83 -8.44
CA PRO A 139 -0.72 -14.57 -9.84
C PRO A 139 0.37 -15.50 -10.35
N THR A 140 0.23 -15.96 -11.59
CA THR A 140 1.18 -16.81 -12.33
C THR A 140 1.71 -16.07 -13.57
N THR A 141 1.29 -14.81 -13.78
CA THR A 141 1.88 -13.90 -14.78
C THR A 141 2.37 -12.64 -14.07
N ALA A 142 3.34 -11.97 -14.67
CA ALA A 142 4.04 -10.77 -14.13
C ALA A 142 3.69 -9.60 -15.07
N GLY A 143 2.51 -9.04 -14.77
CA GLY A 143 1.33 -8.98 -15.62
C GLY A 143 0.26 -8.08 -15.03
N THR A 144 -0.93 -8.60 -14.72
CA THR A 144 -2.19 -7.82 -14.70
C THR A 144 -2.38 -7.11 -13.37
N ALA A 145 -1.78 -7.59 -12.29
CA ALA A 145 -2.01 -7.09 -10.92
C ALA A 145 -3.48 -7.29 -10.53
N ALA A 146 -4.15 -8.29 -11.13
CA ALA A 146 -5.55 -8.63 -10.80
C ALA A 146 -5.70 -8.86 -9.28
N GLU A 147 -4.61 -9.23 -8.60
CA GLU A 147 -4.63 -9.64 -7.18
C GLU A 147 -4.83 -8.43 -6.27
N VAL A 148 -4.56 -7.20 -6.75
CA VAL A 148 -4.61 -5.97 -5.90
C VAL A 148 -5.60 -4.93 -6.45
N THR A 149 -6.04 -5.04 -7.70
CA THR A 149 -6.95 -4.04 -8.34
C THR A 149 -8.41 -4.37 -8.01
N ILE A 150 -9.30 -3.37 -8.05
CA ILE A 150 -10.77 -3.52 -7.81
C ILE A 150 -11.51 -3.69 -9.15
N GLY A 151 -10.79 -4.04 -10.21
CA GLY A 151 -11.32 -4.21 -11.58
C GLY A 151 -11.22 -5.65 -12.06
N TYR A 152 -12.13 -6.06 -12.96
CA TYR A 152 -12.05 -7.31 -13.74
C TYR A 152 -12.72 -7.10 -15.10
N VAL A 153 -12.19 -7.76 -16.12
CA VAL A 153 -12.60 -7.55 -17.54
C VAL A 153 -13.15 -8.88 -18.09
N ILE A 154 -14.42 -8.87 -18.46
CA ILE A 154 -15.17 -10.06 -18.97
C ILE A 154 -15.54 -9.78 -20.43
N THR A 155 -15.38 -10.80 -21.28
CA THR A 155 -15.71 -10.72 -22.74
C THR A 155 -17.19 -11.09 -22.91
N ASP A 156 -17.95 -10.20 -23.56
CA ASP A 156 -19.35 -10.44 -23.99
C ASP A 156 -19.29 -10.94 -25.45
N GLU A 157 -19.48 -12.25 -25.64
CA GLU A 157 -19.40 -12.97 -26.95
C GLU A 157 -20.46 -12.40 -27.90
N GLU A 158 -21.69 -12.21 -27.39
CA GLU A 158 -22.88 -11.81 -28.16
C GLU A 158 -22.69 -10.41 -28.74
N LYS A 159 -22.16 -9.47 -27.94
CA LYS A 159 -21.97 -8.05 -28.31
C LYS A 159 -20.53 -7.79 -28.78
N ARG A 160 -19.66 -8.80 -28.71
CA ARG A 160 -18.26 -8.78 -29.24
C ARG A 160 -17.49 -7.61 -28.64
N ARG A 161 -17.46 -7.52 -27.30
CA ARG A 161 -16.79 -6.42 -26.55
C ARG A 161 -16.32 -6.95 -25.19
N LYS A 162 -15.20 -6.44 -24.70
CA LYS A 162 -14.76 -6.58 -23.29
C LYS A 162 -15.33 -5.42 -22.50
N PHE A 163 -15.92 -5.70 -21.32
CA PHE A 163 -16.50 -4.69 -20.41
C PHE A 163 -15.77 -4.79 -19.06
N VAL A 164 -15.46 -3.62 -18.49
CA VAL A 164 -14.73 -3.46 -17.20
C VAL A 164 -15.76 -3.31 -16.07
N CYS A 165 -15.61 -4.12 -15.02
CA CYS A 165 -16.40 -4.06 -13.76
C CYS A 165 -15.49 -3.55 -12.65
N VAL A 166 -15.93 -2.52 -11.92
CA VAL A 166 -15.11 -1.83 -10.88
C VAL A 166 -15.91 -1.84 -9.57
N ASP A 167 -15.33 -2.42 -8.52
CA ASP A 167 -16.07 -2.72 -7.27
C ASP A 167 -15.11 -3.02 -6.12
N PRO A 168 -15.06 -2.16 -5.08
CA PRO A 168 -14.27 -2.43 -3.88
C PRO A 168 -14.62 -3.75 -3.17
N HIS A 169 -15.81 -4.29 -3.46
CA HIS A 169 -16.30 -5.57 -2.89
C HIS A 169 -15.50 -6.74 -3.47
N ASP A 170 -14.85 -6.59 -4.63
CA ASP A 170 -14.12 -7.68 -5.32
C ASP A 170 -12.67 -7.78 -4.85
N ILE A 171 -12.18 -6.90 -3.96
CA ILE A 171 -10.76 -6.91 -3.52
C ILE A 171 -10.48 -8.22 -2.77
N PRO A 172 -9.45 -8.99 -3.19
CA PRO A 172 -8.98 -10.14 -2.42
C PRO A 172 -8.53 -9.82 -0.99
N GLN A 173 -8.73 -10.76 -0.07
CA GLN A 173 -8.32 -10.68 1.36
C GLN A 173 -6.79 -10.77 1.47
N VAL A 174 -6.20 -11.74 0.77
CA VAL A 174 -4.72 -11.99 0.75
C VAL A 174 -4.28 -12.16 -0.70
N ALA A 175 -3.15 -11.57 -1.06
CA ALA A 175 -2.39 -11.84 -2.30
C ALA A 175 -1.09 -12.59 -1.96
N PHE A 176 -0.67 -13.51 -2.83
CA PHE A 176 0.60 -14.25 -2.73
C PHE A 176 1.37 -14.05 -4.03
N ILE A 177 2.37 -13.17 -3.99
CA ILE A 177 3.16 -12.74 -5.18
C ILE A 177 4.50 -13.49 -5.14
N ASP A 178 4.58 -14.57 -5.89
CA ASP A 178 5.59 -15.65 -5.72
C ASP A 178 6.14 -15.99 -7.11
N ALA A 179 7.34 -15.50 -7.42
CA ALA A 179 7.98 -15.67 -8.74
C ALA A 179 8.12 -17.17 -9.08
N ASP A 180 8.22 -18.04 -8.07
CA ASP A 180 8.18 -19.52 -8.24
C ASP A 180 6.96 -19.92 -9.09
N MET A 181 5.83 -19.24 -8.94
CA MET A 181 4.57 -19.56 -9.66
C MET A 181 4.62 -19.04 -11.08
N MET A 182 5.59 -18.16 -11.39
CA MET A 182 5.67 -17.35 -12.63
C MET A 182 6.78 -17.88 -13.56
N ASP A 183 7.72 -18.67 -13.06
CA ASP A 183 8.95 -19.05 -13.83
C ASP A 183 8.58 -19.81 -15.10
N GLY A 184 7.47 -20.54 -15.11
CA GLY A 184 7.04 -21.44 -16.20
C GLY A 184 6.43 -20.72 -17.39
N MET A 185 6.15 -19.41 -17.27
CA MET A 185 5.76 -18.56 -18.41
C MET A 185 6.78 -18.77 -19.53
N PRO A 186 6.34 -19.14 -20.76
CA PRO A 186 7.19 -19.01 -21.94
C PRO A 186 7.68 -17.57 -22.10
N PRO A 187 8.91 -17.36 -22.64
CA PRO A 187 9.43 -16.02 -22.87
C PRO A 187 8.40 -15.00 -23.40
N ALA A 188 7.61 -15.36 -24.42
CA ALA A 188 6.68 -14.45 -25.12
C ALA A 188 5.57 -14.00 -24.16
N LEU A 189 5.23 -14.83 -23.16
CA LEU A 189 4.21 -14.52 -22.13
C LEU A 189 4.80 -13.56 -21.09
N LYS A 190 6.06 -13.78 -20.69
CA LYS A 190 6.79 -12.85 -19.80
C LYS A 190 6.85 -11.48 -20.46
N ALA A 191 7.18 -11.45 -21.75
CA ALA A 191 7.33 -10.23 -22.55
C ALA A 191 5.99 -9.47 -22.60
N ALA A 192 4.90 -10.15 -22.97
CA ALA A 192 3.56 -9.56 -23.13
C ALA A 192 3.03 -9.01 -21.79
N THR A 193 2.98 -9.86 -20.75
CA THR A 193 2.39 -9.49 -19.44
C THR A 193 3.29 -8.44 -18.77
N GLY A 194 4.60 -8.48 -19.04
CA GLY A 194 5.57 -7.50 -18.55
C GLY A 194 5.28 -6.09 -19.08
N VAL A 195 4.97 -5.96 -20.36
CA VAL A 195 4.65 -4.65 -21.00
C VAL A 195 3.20 -4.24 -20.61
N ASP A 196 2.32 -5.19 -20.29
CA ASP A 196 0.99 -4.85 -19.74
C ASP A 196 1.20 -4.13 -18.40
N ALA A 197 2.10 -4.64 -17.55
CA ALA A 197 2.50 -4.00 -16.26
C ALA A 197 3.10 -2.61 -16.53
N LEU A 198 3.99 -2.49 -17.50
CA LEU A 198 4.58 -1.19 -17.90
C LEU A 198 3.47 -0.21 -18.30
N THR A 199 2.53 -0.68 -19.12
CA THR A 199 1.40 0.14 -19.66
C THR A 199 0.62 0.70 -18.46
N HIS A 200 0.28 -0.17 -17.50
CA HIS A 200 -0.44 0.20 -16.26
C HIS A 200 0.31 1.32 -15.54
N ALA A 201 1.61 1.16 -15.42
CA ALA A 201 2.50 2.10 -14.69
C ALA A 201 2.50 3.44 -15.42
N ILE A 202 2.73 3.43 -16.73
CA ILE A 202 2.83 4.67 -17.56
C ILE A 202 1.46 5.36 -17.66
N GLU A 203 0.42 4.62 -18.04
CA GLU A 203 -0.96 5.17 -18.15
C GLU A 203 -1.40 5.72 -16.79
N GLY A 204 -1.13 4.97 -15.72
CA GLY A 204 -1.50 5.34 -14.35
C GLY A 204 -0.80 6.61 -13.92
N TYR A 205 0.47 6.77 -14.31
CA TYR A 205 1.31 7.92 -13.93
C TYR A 205 0.68 9.21 -14.49
N ILE A 206 0.14 9.16 -15.71
CA ILE A 206 -0.31 10.38 -16.46
C ILE A 206 -1.85 10.48 -16.47
N THR A 207 -2.58 9.60 -15.79
CA THR A 207 -4.07 9.57 -15.83
C THR A 207 -4.62 10.82 -15.12
N ARG A 208 -5.82 11.24 -15.51
CA ARG A 208 -6.47 12.50 -15.04
C ARG A 208 -6.60 12.48 -13.51
N GLY A 209 -6.87 11.32 -12.92
CA GLY A 209 -7.11 11.18 -11.47
C GLY A 209 -5.83 11.13 -10.65
N ALA A 210 -4.66 11.16 -11.30
CA ALA A 210 -3.33 10.97 -10.66
C ALA A 210 -3.14 11.97 -9.51
N TRP A 211 -2.53 11.52 -8.43
CA TRP A 211 -2.09 12.37 -7.29
C TRP A 211 -0.78 11.80 -6.70
N ALA A 212 -0.22 12.45 -5.68
CA ALA A 212 1.18 12.25 -5.21
C ALA A 212 1.44 10.77 -4.89
N LEU A 213 0.56 10.12 -4.13
CA LEU A 213 0.78 8.72 -3.68
C LEU A 213 0.84 7.78 -4.90
N THR A 214 -0.08 7.91 -5.86
CA THR A 214 -0.11 7.00 -7.05
C THR A 214 1.06 7.33 -7.98
N ASP A 215 1.43 8.60 -8.06
CA ASP A 215 2.63 9.05 -8.83
C ASP A 215 3.87 8.34 -8.28
N ALA A 216 3.98 8.25 -6.96
CA ALA A 216 5.15 7.66 -6.28
C ALA A 216 5.20 6.16 -6.58
N LEU A 217 4.04 5.49 -6.55
CA LEU A 217 3.96 4.02 -6.80
C LEU A 217 4.30 3.73 -8.26
N HIS A 218 3.66 4.45 -9.18
CA HIS A 218 3.78 4.23 -10.65
C HIS A 218 5.23 4.44 -11.10
N ILE A 219 5.89 5.52 -10.66
CA ILE A 219 7.25 5.84 -11.15
C ILE A 219 8.22 4.76 -10.65
N LYS A 220 8.02 4.24 -9.44
CA LYS A 220 8.83 3.13 -8.88
C LYS A 220 8.62 1.87 -9.72
N ALA A 221 7.38 1.53 -10.07
CA ALA A 221 7.02 0.35 -10.88
C ALA A 221 7.60 0.46 -12.31
N ILE A 222 7.57 1.65 -12.93
CA ILE A 222 8.20 1.86 -14.26
C ILE A 222 9.69 1.51 -14.16
N GLU A 223 10.35 2.01 -13.12
CA GLU A 223 11.81 1.81 -12.88
C GLU A 223 12.09 0.31 -12.74
N ILE A 224 11.32 -0.40 -11.91
CA ILE A 224 11.54 -1.85 -11.64
C ILE A 224 11.34 -2.64 -12.95
N ILE A 225 10.25 -2.38 -13.67
CA ILE A 225 9.85 -3.16 -14.88
C ILE A 225 10.87 -2.89 -16.00
N ALA A 226 11.17 -1.63 -16.30
CA ALA A 226 12.14 -1.24 -17.34
C ALA A 226 13.51 -1.89 -17.05
N GLY A 227 13.87 -2.00 -15.77
CA GLY A 227 15.17 -2.57 -15.32
C GLY A 227 15.25 -4.08 -15.47
N ALA A 228 14.14 -4.80 -15.25
CA ALA A 228 14.14 -6.25 -14.97
C ALA A 228 13.61 -7.10 -16.16
N LEU A 229 12.82 -6.51 -17.06
CA LEU A 229 11.99 -7.30 -18.01
C LEU A 229 12.87 -8.10 -18.98
N ARG A 230 13.91 -7.49 -19.55
CA ARG A 230 14.89 -8.19 -20.43
C ARG A 230 15.48 -9.39 -19.68
N GLY A 231 16.04 -9.17 -18.49
CA GLY A 231 16.58 -10.24 -17.63
C GLY A 231 15.58 -11.38 -17.43
N SER A 232 14.34 -11.07 -17.07
CA SER A 232 13.29 -12.07 -16.74
C SER A 232 12.95 -12.93 -17.97
N VAL A 233 12.76 -12.30 -19.14
CA VAL A 233 12.40 -12.98 -20.42
C VAL A 233 13.53 -13.96 -20.79
N ALA A 234 14.78 -13.63 -20.48
CA ALA A 234 15.99 -14.46 -20.72
C ALA A 234 16.06 -15.59 -19.68
N GLY A 235 15.34 -15.46 -18.56
CA GLY A 235 15.12 -16.54 -17.56
C GLY A 235 15.93 -16.37 -16.28
N ASP A 236 16.38 -15.15 -15.96
CA ASP A 236 17.12 -14.83 -14.71
C ASP A 236 16.13 -14.93 -13.52
N LYS A 237 16.47 -15.74 -12.50
CA LYS A 237 15.68 -15.93 -11.25
C LYS A 237 15.38 -14.58 -10.60
N ASP A 238 16.39 -13.73 -10.39
CA ASP A 238 16.29 -12.46 -9.62
C ASP A 238 15.41 -11.45 -10.36
N ALA A 239 15.58 -11.34 -11.69
CA ALA A 239 14.79 -10.41 -12.53
C ALA A 239 13.30 -10.80 -12.47
N GLY A 240 12.99 -12.10 -12.48
CA GLY A 240 11.61 -12.64 -12.41
C GLY A 240 10.91 -12.21 -11.14
N GLU A 241 11.63 -12.17 -10.02
CA GLU A 241 11.12 -11.73 -8.70
C GLU A 241 10.91 -10.21 -8.70
N GLU A 242 11.86 -9.45 -9.28
CA GLU A 242 11.74 -7.97 -9.45
C GLU A 242 10.46 -7.66 -10.24
N MET A 243 10.23 -8.39 -11.34
CA MET A 243 9.04 -8.24 -12.21
C MET A 243 7.77 -8.52 -11.40
N ALA A 244 7.78 -9.58 -10.59
CA ALA A 244 6.66 -10.01 -9.72
C ALA A 244 6.26 -8.85 -8.78
N LEU A 245 7.24 -8.13 -8.23
CA LEU A 245 6.98 -6.95 -7.34
C LEU A 245 6.49 -5.77 -8.17
N GLY A 246 7.19 -5.42 -9.25
CA GLY A 246 6.92 -4.22 -10.06
C GLY A 246 5.53 -4.24 -10.66
N GLN A 247 5.10 -5.38 -11.19
CA GLN A 247 3.73 -5.51 -11.74
C GLN A 247 2.71 -5.23 -10.64
N TYR A 248 2.95 -5.69 -9.41
CA TYR A 248 2.02 -5.49 -8.27
C TYR A 248 1.97 -4.00 -7.92
N VAL A 249 3.14 -3.36 -7.78
CA VAL A 249 3.25 -1.94 -7.33
C VAL A 249 2.46 -1.06 -8.32
N ALA A 250 2.52 -1.37 -9.61
CA ALA A 250 1.72 -0.69 -10.66
C ALA A 250 0.23 -0.82 -10.33
N GLY A 251 -0.22 -2.01 -9.97
CA GLY A 251 -1.61 -2.30 -9.55
C GLY A 251 -2.07 -1.42 -8.41
N MET A 252 -1.22 -1.21 -7.40
CA MET A 252 -1.54 -0.40 -6.21
C MET A 252 -1.91 1.03 -6.60
N GLY A 253 -1.36 1.50 -7.73
CA GLY A 253 -1.64 2.84 -8.27
C GLY A 253 -2.88 2.85 -9.14
N PHE A 254 -2.83 2.20 -10.30
CA PHE A 254 -3.74 2.48 -11.44
C PHE A 254 -5.16 2.10 -11.04
N SER A 255 -5.32 1.01 -10.27
CA SER A 255 -6.62 0.56 -9.71
C SER A 255 -7.38 1.75 -9.10
N ASN A 256 -6.66 2.65 -8.43
CA ASN A 256 -7.24 3.70 -7.54
C ASN A 256 -7.44 5.01 -8.29
N VAL A 257 -6.82 5.21 -9.45
CA VAL A 257 -6.87 6.51 -10.18
C VAL A 257 -7.28 6.32 -11.65
N GLY A 258 -6.85 5.24 -12.31
CA GLY A 258 -7.23 4.91 -13.70
C GLY A 258 -6.02 4.72 -14.61
N VAL A 259 -6.30 4.39 -15.87
CA VAL A 259 -5.29 4.25 -16.96
C VAL A 259 -5.71 5.22 -18.09
N GLY A 260 -5.81 4.76 -19.34
CA GLY A 260 -6.13 5.65 -20.47
C GLY A 260 -6.40 4.91 -21.76
N LEU A 261 -5.92 5.49 -22.87
CA LEU A 261 -6.37 5.19 -24.24
C LEU A 261 -5.66 3.94 -24.76
N VAL A 262 -4.56 3.51 -24.13
CA VAL A 262 -3.86 2.24 -24.52
C VAL A 262 -4.80 1.07 -24.23
N HIS A 263 -5.26 0.97 -22.99
CA HIS A 263 -6.21 -0.06 -22.51
C HIS A 263 -7.55 0.06 -23.24
N GLY A 264 -7.99 1.30 -23.51
CA GLY A 264 -9.20 1.61 -24.29
C GLY A 264 -9.13 1.01 -25.67
N MET A 265 -7.97 1.11 -26.32
CA MET A 265 -7.73 0.66 -27.72
C MET A 265 -7.40 -0.84 -27.75
N ALA A 266 -6.90 -1.39 -26.63
CA ALA A 266 -6.47 -2.80 -26.48
C ALA A 266 -7.67 -3.72 -26.30
N HIS A 267 -8.70 -3.29 -25.58
CA HIS A 267 -9.88 -4.13 -25.21
C HIS A 267 -10.64 -4.56 -26.46
N PRO A 268 -10.96 -3.65 -27.41
CA PRO A 268 -11.56 -4.04 -28.69
C PRO A 268 -10.75 -5.08 -29.50
N LEU A 269 -9.42 -5.01 -29.44
CA LEU A 269 -8.51 -5.97 -30.15
C LEU A 269 -8.63 -7.36 -29.52
N GLY A 270 -8.79 -7.41 -28.20
CA GLY A 270 -9.13 -8.65 -27.46
C GLY A 270 -10.48 -9.20 -27.87
N ALA A 271 -11.49 -8.34 -28.02
CA ALA A 271 -12.88 -8.74 -28.32
C ALA A 271 -12.96 -9.27 -29.76
N PHE A 272 -12.33 -8.57 -30.71
CA PHE A 272 -12.44 -8.79 -32.18
C PHE A 272 -11.61 -10.00 -32.63
N TYR A 273 -10.42 -10.22 -32.06
CA TYR A 273 -9.44 -11.21 -32.57
C TYR A 273 -8.95 -12.19 -31.48
N ASN A 274 -9.28 -11.94 -30.21
CA ASN A 274 -8.78 -12.70 -29.03
C ASN A 274 -7.27 -12.44 -28.85
N THR A 275 -6.79 -11.27 -29.28
CA THR A 275 -5.38 -10.82 -29.11
C THR A 275 -5.02 -10.81 -27.63
N PRO A 276 -3.87 -11.42 -27.24
CA PRO A 276 -3.37 -11.30 -25.87
C PRO A 276 -3.27 -9.83 -25.47
N HIS A 277 -3.92 -9.48 -24.36
CA HIS A 277 -4.02 -8.12 -23.78
C HIS A 277 -2.66 -7.40 -23.77
N GLY A 278 -1.60 -8.11 -23.34
CA GLY A 278 -0.24 -7.57 -23.20
C GLY A 278 0.38 -7.20 -24.54
N VAL A 279 0.15 -8.01 -25.58
CA VAL A 279 0.70 -7.77 -26.95
C VAL A 279 0.01 -6.54 -27.55
N ALA A 280 -1.31 -6.43 -27.41
CA ALA A 280 -2.12 -5.30 -27.93
C ALA A 280 -1.66 -4.00 -27.25
N ASN A 281 -1.55 -4.00 -25.93
CA ASN A 281 -1.04 -2.86 -25.11
C ASN A 281 0.35 -2.46 -25.60
N ALA A 282 1.23 -3.43 -25.83
CA ALA A 282 2.66 -3.24 -26.17
C ALA A 282 2.79 -2.48 -27.49
N ILE A 283 2.08 -2.94 -28.51
CA ILE A 283 2.08 -2.36 -29.88
C ILE A 283 1.53 -0.93 -29.81
N LEU A 284 0.45 -0.73 -29.05
CA LEU A 284 -0.28 0.56 -28.94
C LEU A 284 0.47 1.57 -28.06
N LEU A 285 1.12 1.10 -26.98
CA LEU A 285 1.66 1.96 -25.88
C LEU A 285 2.49 3.11 -26.44
N PRO A 286 3.55 2.87 -27.26
CA PRO A 286 4.41 3.95 -27.72
C PRO A 286 3.69 4.99 -28.60
N HIS A 287 2.70 4.56 -29.39
CA HIS A 287 1.95 5.42 -30.35
C HIS A 287 1.02 6.35 -29.56
N VAL A 288 0.39 5.82 -28.50
CA VAL A 288 -0.55 6.58 -27.63
C VAL A 288 0.25 7.52 -26.73
N MET A 289 1.46 7.13 -26.32
CA MET A 289 2.37 7.99 -25.53
C MET A 289 2.72 9.23 -26.36
N ARG A 290 3.09 9.03 -27.63
CA ARG A 290 3.41 10.12 -28.59
C ARG A 290 2.19 11.03 -28.74
N TYR A 291 0.99 10.45 -28.86
CA TYR A 291 -0.30 11.18 -28.99
C TYR A 291 -0.56 12.00 -27.72
N ASN A 292 -0.31 11.43 -26.54
CA ASN A 292 -0.59 12.05 -25.22
C ASN A 292 0.50 13.07 -24.82
N ALA A 293 1.68 13.01 -25.44
CA ALA A 293 2.93 13.69 -24.99
C ALA A 293 2.66 15.13 -24.52
N ASP A 294 2.00 15.95 -25.34
CA ASP A 294 1.88 17.42 -25.15
C ASP A 294 0.88 17.76 -24.03
N PHE A 295 0.26 16.74 -23.40
CA PHE A 295 -0.80 16.90 -22.38
C PHE A 295 -0.40 16.23 -21.05
N THR A 296 0.90 16.01 -20.81
CA THR A 296 1.42 15.22 -19.65
C THR A 296 2.41 16.04 -18.82
N GLY A 297 2.45 17.37 -18.97
CA GLY A 297 3.41 18.23 -18.25
C GLY A 297 4.82 17.66 -18.29
N GLU A 298 5.46 17.50 -17.13
CA GLU A 298 6.89 17.14 -16.98
C GLU A 298 7.06 15.62 -16.85
N LYS A 299 5.98 14.83 -16.92
CA LYS A 299 5.99 13.42 -16.43
C LYS A 299 6.83 12.52 -17.33
N TYR A 300 7.02 12.84 -18.61
CA TYR A 300 7.81 12.01 -19.56
C TYR A 300 9.31 12.11 -19.23
N ARG A 301 9.78 13.25 -18.69
CA ARG A 301 11.16 13.39 -18.14
C ARG A 301 11.45 12.26 -17.14
N ASP A 302 10.54 12.11 -16.17
CA ASP A 302 10.60 11.10 -15.10
C ASP A 302 10.62 9.70 -15.73
N ILE A 303 9.67 9.41 -16.61
CA ILE A 303 9.56 8.07 -17.28
C ILE A 303 10.91 7.75 -17.93
N ALA A 304 11.40 8.65 -18.79
CA ALA A 304 12.65 8.48 -19.56
C ALA A 304 13.84 8.27 -18.61
N ARG A 305 13.95 9.06 -17.55
CA ARG A 305 15.08 8.99 -16.58
C ARG A 305 15.13 7.59 -15.94
N VAL A 306 14.02 7.11 -15.39
CA VAL A 306 13.99 5.81 -14.65
C VAL A 306 14.08 4.65 -15.65
N MET A 307 13.93 4.93 -16.94
CA MET A 307 13.98 3.93 -18.04
C MET A 307 15.39 3.89 -18.65
N GLY A 308 16.33 4.66 -18.07
CA GLY A 308 17.77 4.55 -18.33
C GLY A 308 18.28 5.58 -19.33
N VAL A 309 17.52 6.65 -19.59
CA VAL A 309 17.91 7.75 -20.52
C VAL A 309 18.51 8.90 -19.70
N LYS A 310 19.54 9.57 -20.23
CA LYS A 310 20.17 10.76 -19.59
C LYS A 310 19.44 12.03 -20.03
N VAL A 311 18.52 12.52 -19.18
CA VAL A 311 17.51 13.56 -19.53
C VAL A 311 17.98 14.96 -19.09
N GLU A 312 19.13 15.08 -18.42
CA GLU A 312 19.64 16.36 -17.84
C GLU A 312 19.82 17.44 -18.91
N GLY A 313 20.43 17.16 -20.06
CA GLY A 313 20.71 18.16 -21.11
C GLY A 313 19.51 18.46 -22.01
N MET A 314 18.36 17.83 -21.76
CA MET A 314 17.26 17.66 -22.76
C MET A 314 16.17 18.71 -22.55
N GLY A 315 15.66 19.28 -23.65
CA GLY A 315 14.39 20.04 -23.69
C GLY A 315 13.19 19.12 -23.45
N LEU A 316 12.03 19.72 -23.16
CA LEU A 316 10.81 18.96 -22.77
C LEU A 316 10.42 18.02 -23.93
N GLU A 317 10.36 18.52 -25.16
CA GLU A 317 9.90 17.74 -26.35
C GLU A 317 10.92 16.63 -26.63
N GLU A 318 12.22 16.92 -26.53
CA GLU A 318 13.32 15.94 -26.77
C GLU A 318 13.21 14.77 -25.77
N ALA A 319 12.91 15.06 -24.51
CA ALA A 319 12.78 14.06 -23.42
C ALA A 319 11.51 13.22 -23.66
N ARG A 320 10.44 13.86 -24.14
CA ARG A 320 9.15 13.18 -24.46
C ARG A 320 9.41 12.12 -25.55
N ASN A 321 10.27 12.44 -26.53
CA ASN A 321 10.64 11.50 -27.62
C ASN A 321 11.49 10.36 -27.07
N ALA A 322 12.45 10.68 -26.19
CA ALA A 322 13.35 9.69 -25.53
C ALA A 322 12.53 8.64 -24.78
N ALA A 323 11.46 9.07 -24.09
CA ALA A 323 10.55 8.20 -23.30
C ALA A 323 9.87 7.19 -24.23
N VAL A 324 9.37 7.67 -25.36
CA VAL A 324 8.67 6.86 -26.40
C VAL A 324 9.67 5.88 -27.02
N GLU A 325 10.88 6.35 -27.38
CA GLU A 325 11.92 5.53 -28.03
C GLU A 325 12.38 4.43 -27.06
N ALA A 326 12.44 4.75 -25.76
CA ALA A 326 12.82 3.79 -24.70
C ALA A 326 11.85 2.61 -24.72
N VAL A 327 10.55 2.89 -24.93
CA VAL A 327 9.47 1.86 -24.94
C VAL A 327 9.54 1.05 -26.24
N PHE A 328 9.73 1.69 -27.40
CA PHE A 328 9.95 0.99 -28.70
C PHE A 328 11.09 -0.01 -28.55
N ALA A 329 12.21 0.43 -27.98
CA ALA A 329 13.46 -0.36 -27.85
C ALA A 329 13.14 -1.63 -27.02
N LEU A 330 12.49 -1.46 -25.87
CA LEU A 330 12.19 -2.57 -24.95
C LEU A 330 11.28 -3.60 -25.65
N ASN A 331 10.24 -3.13 -26.36
CA ASN A 331 9.31 -3.99 -27.15
C ASN A 331 10.12 -4.82 -28.16
N ARG A 332 10.97 -4.17 -28.96
CA ARG A 332 11.87 -4.85 -29.94
C ARG A 332 12.68 -5.92 -29.22
N ASP A 333 13.21 -5.62 -28.03
CA ASP A 333 14.23 -6.46 -27.32
C ASP A 333 13.59 -7.72 -26.75
N VAL A 334 12.31 -7.68 -26.39
CA VAL A 334 11.63 -8.84 -25.75
C VAL A 334 10.75 -9.56 -26.80
N GLY A 335 10.91 -9.21 -28.08
CA GLY A 335 10.46 -10.04 -29.21
C GLY A 335 8.95 -9.95 -29.43
N ILE A 336 8.39 -8.76 -29.24
CA ILE A 336 6.96 -8.46 -29.48
C ILE A 336 6.86 -7.89 -30.90
N PRO A 337 5.97 -8.45 -31.75
CA PRO A 337 5.78 -7.93 -33.11
C PRO A 337 5.42 -6.44 -33.01
N PRO A 338 6.06 -5.56 -33.81
CA PRO A 338 5.89 -4.12 -33.65
C PRO A 338 4.68 -3.45 -34.34
N HIS A 339 3.90 -4.19 -35.13
CA HIS A 339 2.72 -3.67 -35.90
C HIS A 339 1.48 -4.53 -35.66
N LEU A 340 0.29 -3.91 -35.61
CA LEU A 340 -1.00 -4.61 -35.34
C LEU A 340 -1.31 -5.62 -36.46
N ARG A 341 -0.91 -5.34 -37.71
CA ARG A 341 -1.15 -6.26 -38.85
C ARG A 341 -0.40 -7.58 -38.62
N ASP A 342 0.70 -7.55 -37.87
CA ASP A 342 1.57 -8.72 -37.59
C ASP A 342 0.80 -9.78 -36.80
N VAL A 343 -0.21 -9.38 -36.02
CA VAL A 343 -1.02 -10.30 -35.17
C VAL A 343 -2.46 -10.35 -35.69
N GLY A 344 -2.69 -9.96 -36.95
CA GLY A 344 -3.90 -10.28 -37.72
C GLY A 344 -5.02 -9.28 -37.55
N VAL A 345 -4.75 -8.07 -37.04
CA VAL A 345 -5.75 -6.96 -37.01
C VAL A 345 -6.03 -6.56 -38.45
N ARG A 346 -7.30 -6.30 -38.79
CA ARG A 346 -7.77 -6.06 -40.19
C ARG A 346 -8.09 -4.58 -40.37
N LYS A 347 -7.52 -3.98 -41.42
CA LYS A 347 -7.63 -2.55 -41.81
C LYS A 347 -9.09 -2.08 -41.72
N GLU A 348 -10.03 -2.94 -42.16
CA GLU A 348 -11.47 -2.61 -42.39
C GLU A 348 -12.22 -2.47 -41.05
N ASP A 349 -11.72 -3.11 -40.00
CA ASP A 349 -12.37 -3.12 -38.65
C ASP A 349 -12.11 -1.82 -37.90
N ILE A 350 -11.12 -1.04 -38.32
CA ILE A 350 -10.58 0.09 -37.50
C ILE A 350 -11.70 1.04 -37.10
N PRO A 351 -12.60 1.48 -38.02
CA PRO A 351 -13.76 2.30 -37.63
C PRO A 351 -14.58 1.72 -36.46
N ALA A 352 -14.92 0.42 -36.48
CA ALA A 352 -15.67 -0.25 -35.41
C ALA A 352 -14.79 -0.37 -34.15
N LEU A 353 -13.49 -0.60 -34.34
CA LEU A 353 -12.48 -0.68 -33.25
C LEU A 353 -12.39 0.67 -32.52
N ALA A 354 -12.30 1.76 -33.28
CA ALA A 354 -12.17 3.14 -32.76
C ALA A 354 -13.42 3.52 -31.95
N GLN A 355 -14.60 3.09 -32.38
CA GLN A 355 -15.89 3.40 -31.70
C GLN A 355 -15.95 2.64 -30.37
N ALA A 356 -15.55 1.36 -30.36
CA ALA A 356 -15.50 0.51 -29.15
C ALA A 356 -14.51 1.13 -28.15
N ALA A 357 -13.37 1.61 -28.64
CA ALA A 357 -12.30 2.25 -27.84
C ALA A 357 -12.85 3.52 -27.17
N LEU A 358 -13.55 4.37 -27.93
CA LEU A 358 -14.13 5.65 -27.44
C LEU A 358 -15.12 5.35 -26.29
N ASP A 359 -15.85 4.24 -26.37
CA ASP A 359 -16.93 3.89 -25.42
C ASP A 359 -16.36 3.19 -24.18
N ASP A 360 -15.14 2.65 -24.26
CA ASP A 360 -14.52 1.83 -23.18
C ASP A 360 -14.23 2.73 -21.96
N VAL A 361 -14.50 2.22 -20.76
CA VAL A 361 -14.37 2.91 -19.45
C VAL A 361 -12.98 3.56 -19.35
N CYS A 362 -11.93 2.86 -19.79
CA CYS A 362 -10.49 3.25 -19.59
C CYS A 362 -10.19 4.60 -20.24
N THR A 363 -10.89 4.94 -21.33
CA THR A 363 -10.57 6.07 -22.25
C THR A 363 -10.82 7.42 -21.54
N GLY A 364 -11.76 7.47 -20.59
CA GLY A 364 -12.11 8.70 -19.84
C GLY A 364 -10.99 9.17 -18.93
N GLY A 365 -10.02 8.30 -18.61
CA GLY A 365 -8.85 8.61 -17.77
C GLY A 365 -7.70 9.23 -18.57
N ASN A 366 -7.73 9.12 -19.90
CA ASN A 366 -6.63 9.55 -20.79
C ASN A 366 -6.45 11.05 -20.67
N PRO A 367 -5.20 11.55 -20.52
CA PRO A 367 -4.97 12.98 -20.24
C PRO A 367 -5.36 13.92 -21.40
N ARG A 368 -5.16 13.47 -22.63
CA ARG A 368 -5.64 14.16 -23.86
C ARG A 368 -7.04 13.61 -24.18
N GLU A 369 -8.03 14.50 -24.34
CA GLU A 369 -9.43 14.12 -24.67
C GLU A 369 -9.47 13.56 -26.09
N ALA A 370 -9.81 12.28 -26.24
CA ALA A 370 -9.74 11.52 -27.51
C ALA A 370 -11.03 11.67 -28.32
N THR A 371 -10.92 12.00 -29.61
CA THR A 371 -12.02 11.98 -30.60
C THR A 371 -11.99 10.65 -31.38
N LEU A 372 -13.13 10.28 -31.97
CA LEU A 372 -13.27 9.10 -32.88
C LEU A 372 -12.12 9.13 -33.89
N GLU A 373 -11.94 10.26 -34.58
CA GLU A 373 -10.96 10.46 -35.68
C GLU A 373 -9.52 10.26 -35.16
N ASP A 374 -9.25 10.71 -33.93
CA ASP A 374 -7.93 10.55 -33.23
C ASP A 374 -7.60 9.06 -33.07
N ILE A 375 -8.57 8.28 -32.59
CA ILE A 375 -8.41 6.83 -32.30
C ILE A 375 -8.25 6.08 -33.62
N VAL A 376 -9.02 6.46 -34.65
CA VAL A 376 -8.92 5.92 -36.03
C VAL A 376 -7.47 6.08 -36.50
N GLU A 377 -6.91 7.30 -36.40
CA GLU A 377 -5.54 7.64 -36.88
C GLU A 377 -4.49 6.84 -36.07
N LEU A 378 -4.72 6.62 -34.77
CA LEU A 378 -3.80 5.87 -33.88
C LEU A 378 -3.75 4.39 -34.30
N TYR A 379 -4.90 3.77 -34.55
CA TYR A 379 -5.01 2.36 -35.01
C TYR A 379 -4.21 2.20 -36.32
N HIS A 380 -4.42 3.13 -37.27
CA HIS A 380 -3.76 3.13 -38.60
C HIS A 380 -2.23 3.17 -38.39
N THR A 381 -1.73 4.12 -37.60
CA THR A 381 -0.27 4.32 -37.38
C THR A 381 0.32 3.09 -36.66
N ALA A 382 -0.46 2.43 -35.80
CA ALA A 382 -0.08 1.20 -35.05
C ALA A 382 -0.13 -0.05 -35.95
N TRP A 383 -0.81 0.04 -37.10
CA TRP A 383 -1.14 -1.12 -37.98
C TRP A 383 0.02 -1.45 -38.93
N THR A 384 0.61 -0.44 -39.57
CA THR A 384 1.46 -0.52 -40.79
C THR A 384 2.57 -1.57 -40.68
N SER A 385 2.73 -2.42 -41.70
CA SER A 385 3.87 -3.38 -41.87
C SER A 385 5.19 -2.60 -41.94
N MET B 2 12.05 -15.89 4.52
CA MET B 2 12.61 -15.26 3.28
C MET B 2 11.53 -14.40 2.60
N ALA B 3 10.29 -14.89 2.57
CA ALA B 3 9.09 -14.19 2.05
C ALA B 3 8.68 -13.08 3.02
N ASN B 4 8.28 -11.92 2.50
CA ASN B 4 7.92 -10.71 3.29
C ASN B 4 6.41 -10.48 3.23
N ARG B 5 5.82 -10.10 4.37
CA ARG B 5 4.37 -9.83 4.53
C ARG B 5 4.15 -8.32 4.59
N MET B 6 3.08 -7.84 3.96
CA MET B 6 2.58 -6.44 4.04
C MET B 6 1.12 -6.47 4.49
N ILE B 7 0.85 -5.91 5.67
CA ILE B 7 -0.49 -5.53 6.16
C ILE B 7 -0.68 -4.04 5.90
N LEU B 8 -1.79 -3.67 5.26
CA LEU B 8 -2.17 -2.28 4.94
C LEU B 8 -3.67 -2.09 5.22
N ASN B 9 -4.13 -0.85 5.24
CA ASN B 9 -5.59 -0.53 5.25
C ASN B 9 -6.18 -1.03 3.94
N GLU B 10 -7.28 -1.78 4.01
CA GLU B 10 -8.04 -2.20 2.80
C GLU B 10 -8.56 -0.93 2.11
N THR B 11 -9.02 0.06 2.89
CA THR B 11 -9.64 1.32 2.41
C THR B 11 -9.03 2.50 3.17
N ALA B 12 -8.67 3.57 2.48
CA ALA B 12 -8.20 4.84 3.11
C ALA B 12 -8.58 6.02 2.21
N TRP B 13 -8.83 7.17 2.82
CA TRP B 13 -9.16 8.44 2.12
C TRP B 13 -8.10 9.48 2.47
N PHE B 14 -7.57 10.19 1.47
CA PHE B 14 -6.45 11.16 1.64
C PHE B 14 -6.87 12.54 1.16
N GLY B 15 -6.39 13.59 1.85
CA GLY B 15 -6.54 15.00 1.46
C GLY B 15 -7.48 15.74 2.38
N ARG B 16 -7.51 17.07 2.27
CA ARG B 16 -8.40 17.95 3.05
C ARG B 16 -9.86 17.61 2.67
N GLY B 17 -10.71 17.39 3.68
CA GLY B 17 -12.12 17.02 3.50
C GLY B 17 -12.35 15.51 3.53
N ALA B 18 -11.30 14.70 3.69
CA ALA B 18 -11.37 13.23 3.63
C ALA B 18 -12.34 12.69 4.69
N VAL B 19 -12.49 13.35 5.84
CA VAL B 19 -13.38 12.87 6.93
C VAL B 19 -14.85 12.92 6.46
N GLY B 20 -15.12 13.65 5.37
CA GLY B 20 -16.47 13.74 4.75
C GLY B 20 -16.92 12.42 4.15
N ALA B 21 -16.02 11.45 4.00
CA ALA B 21 -16.31 10.13 3.38
C ALA B 21 -16.76 9.11 4.44
N LEU B 22 -16.67 9.45 5.73
CA LEU B 22 -16.86 8.47 6.85
C LEU B 22 -18.33 8.07 6.94
N THR B 23 -19.27 9.01 6.82
CA THR B 23 -20.74 8.74 6.96
C THR B 23 -21.14 7.72 5.89
N ASP B 24 -20.61 7.85 4.67
CA ASP B 24 -20.87 6.94 3.52
C ASP B 24 -20.30 5.55 3.82
N GLU B 25 -19.06 5.47 4.32
CA GLU B 25 -18.35 4.19 4.58
C GLU B 25 -19.07 3.43 5.70
N VAL B 26 -19.54 4.12 6.74
CA VAL B 26 -20.30 3.51 7.88
C VAL B 26 -21.62 2.93 7.37
N LYS B 27 -22.33 3.65 6.49
CA LYS B 27 -23.65 3.24 5.96
C LYS B 27 -23.49 2.00 5.05
N ARG B 28 -22.41 1.95 4.27
CA ARG B 28 -22.12 0.84 3.32
C ARG B 28 -21.71 -0.43 4.09
N ARG B 29 -21.30 -0.30 5.36
CA ARG B 29 -20.87 -1.44 6.21
C ARG B 29 -21.98 -1.82 7.23
N GLY B 30 -23.03 -1.00 7.33
CA GLY B 30 -24.25 -1.30 8.12
C GLY B 30 -24.02 -1.28 9.63
N TYR B 31 -22.99 -0.55 10.11
CA TYR B 31 -22.71 -0.39 11.56
C TYR B 31 -23.76 0.54 12.18
N GLN B 32 -24.14 0.29 13.43
CA GLN B 32 -25.31 0.92 14.11
C GLN B 32 -24.86 2.09 15.00
N LYS B 33 -23.84 1.89 15.85
CA LYS B 33 -23.43 2.91 16.86
C LYS B 33 -21.92 2.85 17.09
N ALA B 34 -21.27 4.02 17.05
CA ALA B 34 -19.82 4.22 17.26
C ALA B 34 -19.53 4.58 18.71
N LEU B 35 -18.41 4.08 19.25
CA LEU B 35 -17.71 4.74 20.38
C LEU B 35 -16.50 5.47 19.82
N ILE B 36 -16.50 6.80 19.90
CA ILE B 36 -15.37 7.69 19.51
C ILE B 36 -14.37 7.70 20.67
N VAL B 37 -13.13 7.29 20.40
CA VAL B 37 -12.02 7.33 21.38
C VAL B 37 -11.10 8.50 21.02
N THR B 38 -10.97 9.45 21.95
CA THR B 38 -10.28 10.75 21.76
C THR B 38 -9.74 11.21 23.12
N ASP B 39 -9.24 12.44 23.22
CA ASP B 39 -8.78 13.06 24.50
C ASP B 39 -9.52 14.40 24.70
N LYS B 40 -9.35 15.02 25.87
CA LYS B 40 -10.01 16.30 26.28
C LYS B 40 -9.77 17.37 25.21
N THR B 41 -8.50 17.64 24.91
CA THR B 41 -8.02 18.78 24.07
C THR B 41 -8.80 18.79 22.74
N LEU B 42 -9.04 17.62 22.15
CA LEU B 42 -9.64 17.49 20.81
C LEU B 42 -11.15 17.74 20.87
N VAL B 43 -11.80 17.48 22.01
CA VAL B 43 -13.24 17.85 22.25
C VAL B 43 -13.31 19.38 22.39
N GLN B 44 -12.43 19.94 23.22
CA GLN B 44 -12.40 21.36 23.64
C GLN B 44 -12.04 22.30 22.48
N CYS B 45 -11.23 21.85 21.50
CA CYS B 45 -10.77 22.66 20.33
C CYS B 45 -11.70 22.46 19.13
N GLY B 46 -12.77 21.65 19.28
CA GLY B 46 -13.85 21.51 18.28
C GLY B 46 -13.50 20.55 17.15
N VAL B 47 -12.39 19.81 17.29
CA VAL B 47 -11.88 18.86 16.25
C VAL B 47 -12.81 17.65 16.20
N VAL B 48 -13.15 17.08 17.35
CA VAL B 48 -14.10 15.94 17.48
C VAL B 48 -15.44 16.36 16.84
N ALA B 49 -15.89 17.59 17.12
CA ALA B 49 -17.18 18.16 16.66
C ALA B 49 -17.25 18.17 15.13
N LYS B 50 -16.12 18.36 14.43
CA LYS B 50 -16.05 18.32 12.95
C LYS B 50 -16.59 16.98 12.42
N VAL B 51 -16.40 15.91 13.19
CA VAL B 51 -16.82 14.52 12.82
C VAL B 51 -18.24 14.25 13.33
N THR B 52 -18.53 14.57 14.60
CA THR B 52 -19.84 14.25 15.25
C THR B 52 -20.96 15.08 14.61
N ASP B 53 -20.64 16.24 14.03
CA ASP B 53 -21.61 17.10 13.29
C ASP B 53 -22.05 16.37 12.01
N LYS B 54 -21.10 15.84 11.23
CA LYS B 54 -21.36 15.11 9.96
C LYS B 54 -22.14 13.82 10.25
N MET B 55 -21.88 13.18 11.38
CA MET B 55 -22.53 11.91 11.82
C MET B 55 -23.99 12.21 12.23
N ASP B 56 -24.23 13.35 12.88
CA ASP B 56 -25.58 13.83 13.26
C ASP B 56 -26.41 14.05 11.98
N ALA B 57 -25.84 14.72 10.99
CA ALA B 57 -26.48 15.09 9.70
C ALA B 57 -26.88 13.83 8.92
N ALA B 58 -26.15 12.72 9.06
CA ALA B 58 -26.43 11.43 8.40
C ALA B 58 -27.22 10.51 9.34
N GLY B 59 -27.47 10.96 10.57
CA GLY B 59 -28.30 10.27 11.59
C GLY B 59 -27.61 9.02 12.13
N LEU B 60 -26.30 9.07 12.35
CA LEU B 60 -25.48 7.94 12.86
C LEU B 60 -25.16 8.17 14.34
N ALA B 61 -25.53 7.21 15.20
CA ALA B 61 -25.42 7.29 16.67
C ALA B 61 -23.96 7.15 17.10
N TRP B 62 -23.59 7.82 18.20
CA TRP B 62 -22.23 7.82 18.77
C TRP B 62 -22.27 8.11 20.27
N ALA B 63 -21.39 7.44 21.04
CA ALA B 63 -20.96 7.83 22.40
C ALA B 63 -19.49 8.22 22.32
N ILE B 64 -18.97 8.91 23.34
CA ILE B 64 -17.58 9.46 23.37
C ILE B 64 -16.88 8.97 24.65
N TYR B 65 -15.65 8.47 24.51
CA TYR B 65 -14.67 8.30 25.61
C TYR B 65 -13.49 9.23 25.34
N ASP B 66 -13.23 10.18 26.24
CA ASP B 66 -12.19 11.25 26.10
C ASP B 66 -11.20 11.20 27.27
N GLY B 67 -11.04 10.04 27.91
CA GLY B 67 -10.17 9.85 29.11
C GLY B 67 -8.72 9.54 28.74
N VAL B 68 -8.38 9.56 27.45
CA VAL B 68 -7.02 9.18 26.96
C VAL B 68 -6.04 10.29 27.35
N VAL B 69 -4.93 9.89 27.99
CA VAL B 69 -3.78 10.78 28.34
C VAL B 69 -2.60 10.42 27.44
N PRO B 70 -1.67 11.37 27.19
CA PRO B 70 -0.41 11.06 26.51
C PRO B 70 0.27 9.81 27.09
N ASN B 71 0.73 8.90 26.23
CA ASN B 71 1.33 7.61 26.65
C ASN B 71 0.28 6.82 27.40
N PRO B 72 -0.80 6.38 26.71
CA PRO B 72 -1.95 5.77 27.35
C PRO B 72 -1.55 4.60 28.25
N THR B 73 -2.21 4.50 29.40
CA THR B 73 -1.92 3.54 30.50
C THR B 73 -2.86 2.34 30.41
N ILE B 74 -2.52 1.27 31.13
CA ILE B 74 -3.40 0.09 31.36
C ILE B 74 -4.74 0.59 31.92
N THR B 75 -4.69 1.48 32.93
CA THR B 75 -5.88 2.11 33.58
C THR B 75 -6.82 2.70 32.51
N VAL B 76 -6.27 3.51 31.60
CA VAL B 76 -7.00 4.22 30.52
C VAL B 76 -7.64 3.20 29.57
N VAL B 77 -6.91 2.13 29.21
CA VAL B 77 -7.42 1.06 28.32
C VAL B 77 -8.64 0.42 29.01
N LYS B 78 -8.46 -0.06 30.24
CA LYS B 78 -9.51 -0.74 31.05
C LYS B 78 -10.74 0.16 31.14
N GLU B 79 -10.53 1.43 31.50
CA GLU B 79 -11.60 2.45 31.69
C GLU B 79 -12.38 2.63 30.37
N GLY B 80 -11.65 2.77 29.25
CA GLY B 80 -12.23 2.92 27.89
C GLY B 80 -13.01 1.68 27.46
N LEU B 81 -12.48 0.49 27.75
CA LEU B 81 -13.14 -0.82 27.45
C LEU B 81 -14.47 -0.89 28.22
N GLY B 82 -14.44 -0.49 29.49
CA GLY B 82 -15.63 -0.36 30.36
C GLY B 82 -16.72 0.48 29.71
N VAL B 83 -16.35 1.67 29.20
CA VAL B 83 -17.29 2.62 28.54
C VAL B 83 -17.86 1.98 27.26
N PHE B 84 -17.02 1.30 26.48
CA PHE B 84 -17.41 0.67 25.18
C PHE B 84 -18.52 -0.35 25.41
N GLN B 85 -18.38 -1.20 26.44
CA GLN B 85 -19.33 -2.31 26.76
C GLN B 85 -20.68 -1.74 27.22
N ASN B 86 -20.68 -0.61 27.94
CA ASN B 86 -21.91 0.06 28.48
C ASN B 86 -22.47 1.07 27.47
N SER B 87 -21.81 1.26 26.32
CA SER B 87 -22.22 2.26 25.27
C SER B 87 -23.20 1.63 24.28
N GLY B 88 -23.17 0.30 24.12
CA GLY B 88 -23.97 -0.44 23.11
C GLY B 88 -23.42 -0.27 21.70
N ALA B 89 -22.19 0.23 21.55
CA ALA B 89 -21.53 0.45 20.25
C ALA B 89 -21.16 -0.91 19.65
N ASP B 90 -21.15 -1.00 18.32
CA ASP B 90 -20.69 -2.19 17.54
C ASP B 90 -19.47 -1.82 16.67
N TYR B 91 -18.94 -0.60 16.77
CA TYR B 91 -17.68 -0.19 16.09
C TYR B 91 -17.03 1.00 16.81
N LEU B 92 -15.80 1.31 16.41
CA LEU B 92 -14.91 2.31 17.05
C LEU B 92 -14.47 3.36 16.02
N ILE B 93 -14.44 4.63 16.42
CA ILE B 93 -13.80 5.73 15.62
C ILE B 93 -12.69 6.34 16.48
N ALA B 94 -11.45 6.19 16.04
CA ALA B 94 -10.25 6.78 16.69
C ALA B 94 -10.06 8.20 16.15
N ILE B 95 -10.16 9.22 17.02
CA ILE B 95 -9.88 10.64 16.67
C ILE B 95 -8.76 11.15 17.59
N GLY B 96 -7.55 11.25 17.04
CA GLY B 96 -6.38 11.79 17.76
C GLY B 96 -5.08 11.24 17.20
N GLY B 97 -3.97 11.54 17.89
CA GLY B 97 -2.64 11.02 17.55
C GLY B 97 -2.50 9.57 17.99
N GLY B 98 -1.27 9.14 18.26
CA GLY B 98 -0.96 7.77 18.70
C GLY B 98 -1.73 7.38 19.94
N SER B 99 -1.85 8.29 20.91
CA SER B 99 -2.39 7.96 22.26
C SER B 99 -3.83 7.44 22.14
N PRO B 100 -4.78 8.19 21.54
CA PRO B 100 -6.15 7.69 21.37
C PRO B 100 -6.24 6.47 20.43
N GLN B 101 -5.52 6.52 19.31
CA GLN B 101 -5.57 5.46 18.26
C GLN B 101 -5.04 4.14 18.85
N ASP B 102 -3.98 4.19 19.64
CA ASP B 102 -3.38 3.02 20.33
C ASP B 102 -4.33 2.54 21.44
N THR B 103 -4.93 3.46 22.20
CA THR B 103 -5.93 3.13 23.24
C THR B 103 -7.10 2.41 22.56
N CYS B 104 -7.54 2.94 21.42
CA CYS B 104 -8.69 2.43 20.64
C CYS B 104 -8.42 1.00 20.18
N LYS B 105 -7.20 0.71 19.71
CA LYS B 105 -6.82 -0.63 19.19
C LYS B 105 -6.88 -1.65 20.33
N ALA B 106 -6.34 -1.30 21.51
CA ALA B 106 -6.35 -2.16 22.71
C ALA B 106 -7.80 -2.54 23.03
N ILE B 107 -8.68 -1.56 23.12
CA ILE B 107 -10.14 -1.73 23.42
C ILE B 107 -10.74 -2.68 22.37
N GLY B 108 -10.51 -2.41 21.09
CA GLY B 108 -11.06 -3.18 19.95
C GLY B 108 -10.60 -4.63 19.96
N ILE B 109 -9.34 -4.86 20.34
CA ILE B 109 -8.75 -6.23 20.47
C ILE B 109 -9.40 -6.94 21.66
N ILE B 110 -9.30 -6.35 22.85
CA ILE B 110 -9.67 -6.99 24.15
C ILE B 110 -11.17 -7.33 24.14
N SER B 111 -11.99 -6.51 23.47
CA SER B 111 -13.47 -6.67 23.37
C SER B 111 -13.82 -8.02 22.73
N ASN B 112 -13.07 -8.43 21.70
CA ASN B 112 -13.31 -9.66 20.90
C ASN B 112 -12.31 -10.76 21.27
N ASN B 113 -11.37 -10.46 22.17
CA ASN B 113 -10.40 -11.43 22.74
C ASN B 113 -10.35 -11.20 24.25
N PRO B 114 -11.42 -11.55 24.99
CA PRO B 114 -11.58 -11.16 26.40
C PRO B 114 -10.52 -11.72 27.37
N GLU B 115 -9.72 -12.71 26.93
CA GLU B 115 -8.64 -13.35 27.73
C GLU B 115 -7.46 -12.39 27.93
N PHE B 116 -7.46 -11.21 27.31
CA PHE B 116 -6.36 -10.21 27.38
C PHE B 116 -6.81 -8.99 28.19
N ALA B 117 -7.78 -9.16 29.09
CA ALA B 117 -8.42 -8.07 29.87
C ALA B 117 -7.41 -7.40 30.81
N ASP B 118 -6.32 -8.09 31.15
CA ASP B 118 -5.18 -7.55 31.96
C ASP B 118 -4.36 -6.58 31.10
N VAL B 119 -4.45 -6.72 29.76
CA VAL B 119 -3.91 -5.83 28.69
C VAL B 119 -2.41 -6.03 28.50
N ARG B 120 -1.63 -6.25 29.58
CA ARG B 120 -0.14 -6.34 29.54
C ARG B 120 0.29 -7.65 28.84
N SER B 121 -0.62 -8.64 28.76
CA SER B 121 -0.42 -9.96 28.10
C SER B 121 -0.51 -9.82 26.57
N LEU B 122 -0.83 -8.63 26.07
CA LEU B 122 -0.92 -8.31 24.61
C LEU B 122 0.48 -8.03 24.05
N GLU B 123 1.47 -7.77 24.90
CA GLU B 123 2.87 -7.43 24.50
C GLU B 123 3.37 -8.49 23.48
N GLY B 124 4.19 -8.05 22.53
CA GLY B 124 4.79 -8.89 21.46
C GLY B 124 3.77 -9.22 20.38
N LEU B 125 3.97 -10.34 19.67
CA LEU B 125 3.02 -10.84 18.65
C LEU B 125 1.80 -11.43 19.35
N SER B 126 0.83 -10.55 19.71
CA SER B 126 -0.43 -10.91 20.40
C SER B 126 -1.05 -12.15 19.74
N PRO B 127 -1.17 -13.28 20.46
CA PRO B 127 -1.80 -14.49 19.90
C PRO B 127 -3.34 -14.42 19.97
N THR B 128 -3.93 -13.39 19.37
CA THR B 128 -5.40 -13.16 19.32
C THR B 128 -6.00 -14.11 18.29
N ASN B 129 -7.22 -14.60 18.56
CA ASN B 129 -7.95 -15.57 17.69
C ASN B 129 -8.88 -14.82 16.73
N LYS B 130 -9.41 -13.68 17.14
CA LYS B 130 -10.47 -12.94 16.41
C LYS B 130 -9.98 -11.54 16.01
N PRO B 131 -10.42 -11.02 14.84
CA PRO B 131 -10.21 -9.62 14.49
C PRO B 131 -10.72 -8.67 15.58
N SER B 132 -10.14 -7.46 15.64
CA SER B 132 -10.60 -6.34 16.50
C SER B 132 -12.05 -5.98 16.16
N VAL B 133 -12.76 -5.36 17.11
CA VAL B 133 -13.99 -4.56 16.81
C VAL B 133 -13.60 -3.66 15.64
N PRO B 134 -14.40 -3.58 14.56
CA PRO B 134 -14.07 -2.71 13.41
C PRO B 134 -13.68 -1.30 13.89
N ILE B 135 -12.51 -0.81 13.45
CA ILE B 135 -11.97 0.53 13.77
C ILE B 135 -11.98 1.39 12.51
N LEU B 136 -12.49 2.62 12.61
CA LEU B 136 -12.29 3.70 11.62
C LEU B 136 -11.37 4.75 12.25
N ALA B 137 -10.23 5.05 11.61
CA ALA B 137 -9.11 5.81 12.20
C ALA B 137 -8.98 7.20 11.55
N ILE B 138 -8.93 8.25 12.38
CA ILE B 138 -8.80 9.67 11.93
C ILE B 138 -7.65 10.32 12.71
N PRO B 139 -6.41 10.36 12.16
CA PRO B 139 -5.29 10.99 12.83
C PRO B 139 -5.42 12.52 12.89
N THR B 140 -5.01 13.11 14.02
CA THR B 140 -4.99 14.57 14.29
C THR B 140 -3.54 15.03 14.53
N THR B 141 -2.55 14.13 14.42
CA THR B 141 -1.10 14.49 14.39
C THR B 141 -0.48 13.92 13.12
N ALA B 142 0.65 14.51 12.70
CA ALA B 142 1.41 14.14 11.48
C ALA B 142 2.85 13.82 11.85
N GLY B 143 3.11 12.71 12.54
CA GLY B 143 2.15 11.68 12.87
C GLY B 143 2.80 10.34 13.21
N THR B 144 2.09 9.55 14.03
CA THR B 144 2.48 8.19 14.46
C THR B 144 2.16 7.16 13.39
N ALA B 145 1.24 7.45 12.46
CA ALA B 145 0.74 6.51 11.45
C ALA B 145 0.02 5.35 12.14
N ALA B 146 -0.51 5.57 13.35
CA ALA B 146 -1.29 4.56 14.11
C ALA B 146 -2.42 3.99 13.24
N GLU B 147 -2.88 4.77 12.25
CA GLU B 147 -4.07 4.42 11.42
C GLU B 147 -3.75 3.28 10.44
N VAL B 148 -2.46 3.04 10.14
CA VAL B 148 -2.06 2.04 9.09
C VAL B 148 -1.15 0.94 9.66
N THR B 149 -0.55 1.13 10.84
CA THR B 149 0.40 0.17 11.46
C THR B 149 -0.38 -0.90 12.22
N ILE B 150 0.20 -2.09 12.39
CA ILE B 150 -0.39 -3.22 13.17
C ILE B 150 0.14 -3.19 14.62
N GLY B 151 0.70 -2.06 15.05
CA GLY B 151 1.31 -1.86 16.38
C GLY B 151 0.55 -0.83 17.21
N TYR B 152 0.61 -0.98 18.54
CA TYR B 152 0.15 0.02 19.53
C TYR B 152 1.00 -0.09 20.78
N VAL B 153 1.25 1.03 21.45
CA VAL B 153 2.16 1.15 22.62
C VAL B 153 1.35 1.61 23.83
N ILE B 154 1.30 0.77 24.87
CA ILE B 154 0.57 1.04 26.14
C ILE B 154 1.60 1.16 27.26
N THR B 155 1.41 2.11 28.17
CA THR B 155 2.28 2.34 29.36
C THR B 155 1.78 1.44 30.51
N ASP B 156 2.66 0.63 31.08
CA ASP B 156 2.43 -0.14 32.32
C ASP B 156 2.96 0.70 33.49
N GLU B 157 2.05 1.34 34.25
CA GLU B 157 2.37 2.27 35.38
C GLU B 157 3.13 1.51 36.48
N GLU B 158 2.67 0.29 36.79
CA GLU B 158 3.17 -0.55 37.92
C GLU B 158 4.63 -0.94 37.66
N LYS B 159 4.96 -1.32 36.42
CA LYS B 159 6.31 -1.80 36.02
C LYS B 159 7.11 -0.66 35.36
N ARG B 160 6.49 0.49 35.15
CA ARG B 160 7.12 1.75 34.68
C ARG B 160 7.83 1.52 33.34
N ARG B 161 7.11 0.98 32.36
CA ARG B 161 7.64 0.62 31.03
C ARG B 161 6.52 0.75 29.98
N LYS B 162 6.87 1.14 28.76
CA LYS B 162 5.96 1.10 27.59
C LYS B 162 6.21 -0.24 26.89
N PHE B 163 5.14 -0.94 26.52
CA PHE B 163 5.22 -2.26 25.82
C PHE B 163 4.50 -2.15 24.48
N VAL B 164 5.10 -2.74 23.44
CA VAL B 164 4.61 -2.73 22.04
C VAL B 164 3.81 -4.02 21.79
N CYS B 165 2.59 -3.88 21.29
CA CYS B 165 1.69 -4.98 20.88
C CYS B 165 1.58 -4.97 19.35
N VAL B 166 1.82 -6.12 18.71
CA VAL B 166 1.88 -6.26 17.22
C VAL B 166 0.89 -7.34 16.79
N ASP B 167 -0.08 -7.00 15.95
CA ASP B 167 -1.24 -7.88 15.68
C ASP B 167 -1.97 -7.44 14.41
N PRO B 168 -1.95 -8.24 13.33
CA PRO B 168 -2.71 -7.93 12.11
C PRO B 168 -4.22 -7.80 12.34
N HIS B 169 -4.72 -8.32 13.46
CA HIS B 169 -6.15 -8.24 13.86
C HIS B 169 -6.52 -6.80 14.23
N ASP B 170 -5.55 -5.96 14.60
CA ASP B 170 -5.81 -4.57 15.08
C ASP B 170 -5.86 -3.57 13.92
N ILE B 171 -5.65 -4.01 12.67
CA ILE B 171 -5.60 -3.07 11.50
C ILE B 171 -6.98 -2.46 11.32
N PRO B 172 -7.09 -1.10 11.31
CA PRO B 172 -8.34 -0.42 10.95
C PRO B 172 -8.88 -0.78 9.56
N GLN B 173 -10.21 -0.76 9.42
CA GLN B 173 -10.96 -1.06 8.17
C GLN B 173 -10.78 0.10 7.19
N VAL B 174 -10.94 1.33 7.69
CA VAL B 174 -10.78 2.59 6.90
C VAL B 174 -9.93 3.56 7.70
N ALA B 175 -9.01 4.25 7.03
CA ALA B 175 -8.27 5.43 7.55
C ALA B 175 -8.73 6.68 6.82
N PHE B 176 -8.78 7.81 7.53
CA PHE B 176 -9.13 9.14 6.98
C PHE B 176 -8.00 10.11 7.33
N ILE B 177 -7.14 10.39 6.36
CA ILE B 177 -5.92 11.24 6.52
C ILE B 177 -6.23 12.63 5.98
N ASP B 178 -6.60 13.53 6.90
CA ASP B 178 -7.27 14.82 6.59
C ASP B 178 -6.54 15.93 7.37
N ALA B 179 -5.72 16.72 6.67
CA ALA B 179 -4.90 17.80 7.27
C ALA B 179 -5.79 18.82 7.99
N ASP B 180 -7.05 18.96 7.57
CA ASP B 180 -8.08 19.77 8.29
C ASP B 180 -8.12 19.38 9.77
N MET B 181 -7.93 18.09 10.09
CA MET B 181 -8.02 17.56 11.47
C MET B 181 -6.72 17.87 12.23
N MET B 182 -5.67 18.26 11.52
CA MET B 182 -4.27 18.38 12.04
C MET B 182 -3.85 19.85 12.24
N ASP B 183 -4.54 20.80 11.64
CA ASP B 183 -4.09 22.22 11.54
C ASP B 183 -3.90 22.84 12.92
N GLY B 184 -4.67 22.39 13.92
CA GLY B 184 -4.73 22.97 15.29
C GLY B 184 -3.52 22.60 16.15
N MET B 185 -2.69 21.66 15.71
CA MET B 185 -1.41 21.31 16.40
C MET B 185 -0.62 22.58 16.65
N PRO B 186 -0.24 22.90 17.90
CA PRO B 186 0.77 23.93 18.16
C PRO B 186 2.07 23.60 17.42
N PRO B 187 2.85 24.62 16.99
CA PRO B 187 4.13 24.38 16.33
C PRO B 187 4.98 23.23 16.93
N ALA B 188 5.15 23.21 18.25
CA ALA B 188 6.01 22.24 18.98
C ALA B 188 5.48 20.82 18.80
N LEU B 189 4.17 20.64 18.61
CA LEU B 189 3.52 19.32 18.37
C LEU B 189 3.75 18.89 16.92
N LYS B 190 3.64 19.83 15.97
CA LYS B 190 3.97 19.57 14.55
C LYS B 190 5.43 19.13 14.46
N ALA B 191 6.32 19.82 15.16
CA ALA B 191 7.79 19.56 15.18
C ALA B 191 8.05 18.15 15.73
N ALA B 192 7.49 17.82 16.89
CA ALA B 192 7.71 16.53 17.59
C ALA B 192 7.18 15.37 16.75
N THR B 193 5.89 15.40 16.39
CA THR B 193 5.21 14.30 15.66
C THR B 193 5.81 14.19 14.25
N GLY B 194 6.25 15.31 13.68
CA GLY B 194 6.92 15.37 12.37
C GLY B 194 8.21 14.58 12.37
N VAL B 195 9.05 14.75 13.40
CA VAL B 195 10.35 14.03 13.52
C VAL B 195 10.11 12.58 13.97
N ASP B 196 8.99 12.29 14.64
CA ASP B 196 8.59 10.89 14.94
C ASP B 196 8.35 10.18 13.59
N ALA B 197 7.64 10.82 12.65
CA ALA B 197 7.41 10.33 11.27
C ALA B 197 8.75 10.14 10.57
N LEU B 198 9.65 11.13 10.65
CA LEU B 198 11.01 11.04 10.05
C LEU B 198 11.75 9.83 10.63
N THR B 199 11.70 9.65 11.96
CA THR B 199 12.40 8.56 12.69
C THR B 199 11.91 7.22 12.12
N HIS B 200 10.58 7.07 12.01
CA HIS B 200 9.94 5.86 11.43
C HIS B 200 10.51 5.58 10.05
N ALA B 201 10.61 6.62 9.23
CA ALA B 201 11.06 6.54 7.82
C ALA B 201 12.53 6.12 7.80
N ILE B 202 13.38 6.79 8.59
CA ILE B 202 14.86 6.54 8.62
C ILE B 202 15.14 5.18 9.26
N GLU B 203 14.58 4.89 10.42
CA GLU B 203 14.76 3.60 11.12
C GLU B 203 14.26 2.47 10.22
N GLY B 204 13.09 2.67 9.59
CA GLY B 204 12.46 1.68 8.71
C GLY B 204 13.32 1.39 7.49
N TYR B 205 13.95 2.43 6.95
CA TYR B 205 14.80 2.34 5.74
C TYR B 205 15.99 1.42 6.01
N ILE B 206 16.56 1.48 7.21
CA ILE B 206 17.84 0.79 7.55
C ILE B 206 17.59 -0.44 8.45
N THR B 207 16.35 -0.80 8.75
CA THR B 207 16.01 -1.90 9.69
C THR B 207 16.43 -3.23 9.06
N ARG B 208 16.71 -4.24 9.90
CA ARG B 208 17.24 -5.56 9.46
C ARG B 208 16.28 -6.22 8.48
N GLY B 209 14.97 -6.07 8.69
CA GLY B 209 13.93 -6.72 7.89
C GLY B 209 13.64 -5.99 6.59
N ALA B 210 14.31 -4.86 6.32
CA ALA B 210 14.09 -3.99 5.14
C ALA B 210 14.18 -4.80 3.85
N TRP B 211 13.30 -4.53 2.90
CA TRP B 211 13.35 -5.07 1.52
C TRP B 211 12.86 -4.01 0.53
N ALA B 212 12.87 -4.31 -0.77
CA ALA B 212 12.72 -3.33 -1.88
C ALA B 212 11.47 -2.47 -1.70
N LEU B 213 10.32 -3.08 -1.43
CA LEU B 213 9.02 -2.36 -1.35
C LEU B 213 9.06 -1.35 -0.19
N THR B 214 9.53 -1.75 0.99
CA THR B 214 9.55 -0.85 2.18
C THR B 214 10.63 0.22 1.98
N ASP B 215 11.74 -0.12 1.33
CA ASP B 215 12.81 0.85 0.96
C ASP B 215 12.21 1.95 0.08
N ALA B 216 11.36 1.59 -0.87
CA ALA B 216 10.71 2.52 -1.81
C ALA B 216 9.77 3.46 -1.06
N LEU B 217 9.00 2.92 -0.11
CA LEU B 217 8.01 3.70 0.69
C LEU B 217 8.77 4.66 1.61
N HIS B 218 9.76 4.15 2.34
CA HIS B 218 10.52 4.91 3.38
C HIS B 218 11.26 6.08 2.74
N ILE B 219 11.94 5.86 1.62
CA ILE B 219 12.78 6.94 1.00
C ILE B 219 11.84 8.04 0.47
N LYS B 220 10.66 7.68 -0.03
CA LYS B 220 9.62 8.65 -0.49
C LYS B 220 9.15 9.48 0.71
N ALA B 221 8.86 8.83 1.84
CA ALA B 221 8.37 9.49 3.08
C ALA B 221 9.45 10.41 3.67
N ILE B 222 10.72 10.01 3.66
CA ILE B 222 11.83 10.88 4.13
C ILE B 222 11.82 12.17 3.27
N GLU B 223 11.72 12.02 1.95
CA GLU B 223 11.71 13.15 0.98
C GLU B 223 10.55 14.09 1.29
N ILE B 224 9.34 13.55 1.47
CA ILE B 224 8.12 14.37 1.73
C ILE B 224 8.28 15.12 3.06
N ILE B 225 8.68 14.41 4.12
CA ILE B 225 8.77 14.96 5.51
C ILE B 225 9.88 16.02 5.56
N ALA B 226 11.09 15.72 5.08
CA ALA B 226 12.23 16.65 5.06
C ALA B 226 11.85 17.92 4.28
N GLY B 227 11.05 17.77 3.22
CA GLY B 227 10.63 18.87 2.32
C GLY B 227 9.60 19.79 2.96
N ALA B 228 8.71 19.23 3.80
CA ALA B 228 7.46 19.92 4.22
C ALA B 228 7.49 20.36 5.70
N LEU B 229 8.32 19.76 6.55
CA LEU B 229 8.18 19.89 8.03
C LEU B 229 8.44 21.35 8.47
N ARG B 230 9.48 22.00 7.96
CA ARG B 230 9.76 23.44 8.28
C ARG B 230 8.53 24.27 7.89
N GLY B 231 8.05 24.15 6.65
CA GLY B 231 6.83 24.82 6.17
C GLY B 231 5.65 24.61 7.11
N SER B 232 5.37 23.37 7.50
CA SER B 232 4.19 22.99 8.32
C SER B 232 4.28 23.65 9.71
N VAL B 233 5.43 23.59 10.36
CA VAL B 233 5.65 24.16 11.72
C VAL B 233 5.42 25.68 11.67
N ALA B 234 5.79 26.33 10.55
CA ALA B 234 5.59 27.77 10.30
C ALA B 234 4.11 28.07 10.00
N GLY B 235 3.31 27.05 9.66
CA GLY B 235 1.84 27.11 9.61
C GLY B 235 1.27 27.11 8.20
N ASP B 236 2.05 26.68 7.19
CA ASP B 236 1.63 26.61 5.76
C ASP B 236 0.60 25.47 5.61
N LYS B 237 -0.56 25.79 5.03
CA LYS B 237 -1.68 24.84 4.75
C LYS B 237 -1.18 23.65 3.93
N ASP B 238 -0.47 23.92 2.82
CA ASP B 238 -0.05 22.91 1.82
C ASP B 238 0.98 21.96 2.42
N ALA B 239 1.93 22.48 3.20
CA ALA B 239 3.00 21.70 3.87
C ALA B 239 2.36 20.73 4.88
N GLY B 240 1.33 21.18 5.61
CA GLY B 240 0.59 20.36 6.59
C GLY B 240 -0.07 19.15 5.93
N GLU B 241 -0.57 19.30 4.71
CA GLU B 241 -1.18 18.21 3.89
C GLU B 241 -0.09 17.24 3.43
N GLU B 242 1.05 17.78 2.95
CA GLU B 242 2.23 16.97 2.55
C GLU B 242 2.68 16.11 3.74
N MET B 243 2.78 16.70 4.94
CA MET B 243 3.17 16.00 6.19
C MET B 243 2.17 14.89 6.50
N ALA B 244 0.86 15.16 6.35
CA ALA B 244 -0.24 14.20 6.56
C ALA B 244 -0.04 12.95 5.69
N LEU B 245 0.39 13.12 4.44
CA LEU B 245 0.65 11.98 3.50
C LEU B 245 1.96 11.28 3.91
N GLY B 246 3.04 12.05 4.11
CA GLY B 246 4.39 11.51 4.36
C GLY B 246 4.44 10.65 5.61
N GLN B 247 3.80 11.10 6.69
CA GLN B 247 3.73 10.33 7.96
C GLN B 247 3.03 8.98 7.68
N TYR B 248 2.00 8.97 6.84
CA TYR B 248 1.23 7.73 6.50
C TYR B 248 2.14 6.79 5.70
N VAL B 249 2.80 7.30 4.68
CA VAL B 249 3.64 6.47 3.76
C VAL B 249 4.73 5.78 4.58
N ALA B 250 5.30 6.47 5.57
CA ALA B 250 6.27 5.91 6.53
C ALA B 250 5.64 4.71 7.24
N GLY B 251 4.40 4.85 7.71
CA GLY B 251 3.63 3.80 8.38
C GLY B 251 3.51 2.55 7.54
N MET B 252 3.24 2.70 6.25
CA MET B 252 3.05 1.57 5.28
C MET B 252 4.29 0.69 5.26
N GLY B 253 5.47 1.29 5.50
CA GLY B 253 6.76 0.60 5.54
C GLY B 253 7.04 -0.02 6.91
N PHE B 254 7.28 0.81 7.93
CA PHE B 254 7.98 0.39 9.17
C PHE B 254 7.13 -0.65 9.92
N SER B 255 5.82 -0.51 9.90
CA SER B 255 4.84 -1.47 10.46
C SER B 255 5.20 -2.90 10.04
N ASN B 256 5.64 -3.07 8.80
CA ASN B 256 5.75 -4.39 8.13
C ASN B 256 7.17 -4.95 8.25
N VAL B 257 8.18 -4.14 8.60
CA VAL B 257 9.60 -4.58 8.63
C VAL B 257 10.28 -4.25 9.97
N GLY B 258 9.94 -3.12 10.60
CA GLY B 258 10.45 -2.72 11.93
C GLY B 258 11.14 -1.36 11.91
N VAL B 259 11.61 -0.94 13.08
CA VAL B 259 12.39 0.32 13.28
C VAL B 259 13.72 -0.10 13.94
N GLY B 260 14.13 0.52 15.05
CA GLY B 260 15.43 0.22 15.67
C GLY B 260 15.60 0.86 17.04
N LEU B 261 16.82 1.34 17.30
CA LEU B 261 17.33 1.66 18.65
C LEU B 261 16.85 3.04 19.08
N VAL B 262 16.39 3.88 18.14
CA VAL B 262 15.83 5.22 18.49
C VAL B 262 14.54 5.00 19.29
N HIS B 263 13.60 4.24 18.72
CA HIS B 263 12.31 3.87 19.35
C HIS B 263 12.56 3.06 20.63
N GLY B 264 13.56 2.17 20.60
CA GLY B 264 13.99 1.35 21.76
C GLY B 264 14.41 2.23 22.93
N MET B 265 15.15 3.30 22.65
CA MET B 265 15.71 4.23 23.66
C MET B 265 14.68 5.30 24.05
N ALA B 266 13.70 5.55 23.18
CA ALA B 266 12.65 6.59 23.35
C ALA B 266 11.55 6.09 24.30
N HIS B 267 11.19 4.81 24.25
CA HIS B 267 10.05 4.23 25.01
C HIS B 267 10.30 4.32 26.51
N PRO B 268 11.50 3.95 27.02
CA PRO B 268 11.85 4.18 28.43
C PRO B 268 11.73 5.64 28.91
N LEU B 269 12.04 6.60 28.03
CA LEU B 269 11.96 8.06 28.34
C LEU B 269 10.50 8.46 28.50
N GLY B 270 9.61 7.88 27.68
CA GLY B 270 8.14 8.02 27.83
C GLY B 270 7.66 7.44 29.15
N ALA B 271 8.16 6.26 29.54
CA ALA B 271 7.72 5.53 30.75
C ALA B 271 8.17 6.28 32.01
N PHE B 272 9.42 6.75 32.03
CA PHE B 272 10.12 7.31 33.22
C PHE B 272 9.66 8.76 33.49
N TYR B 273 9.44 9.57 32.45
CA TYR B 273 9.24 11.04 32.58
C TYR B 273 7.95 11.52 31.89
N ASN B 274 7.30 10.67 31.11
CA ASN B 274 6.11 11.04 30.29
C ASN B 274 6.53 11.97 29.15
N THR B 275 7.79 11.85 28.70
CA THR B 275 8.36 12.64 27.57
C THR B 275 7.54 12.38 26.32
N PRO B 276 7.12 13.43 25.57
CA PRO B 276 6.49 13.24 24.27
C PRO B 276 7.39 12.37 23.37
N HIS B 277 6.81 11.28 22.86
CA HIS B 277 7.48 10.24 22.02
C HIS B 277 8.32 10.90 20.92
N GLY B 278 7.78 11.90 20.24
CA GLY B 278 8.42 12.61 19.11
C GLY B 278 9.65 13.37 19.54
N VAL B 279 9.62 14.01 20.71
CA VAL B 279 10.76 14.82 21.25
C VAL B 279 11.91 13.87 21.62
N ALA B 280 11.61 12.75 22.28
CA ALA B 280 12.60 11.73 22.70
C ALA B 280 13.29 11.15 21.45
N ASN B 281 12.49 10.75 20.45
CA ASN B 281 12.97 10.23 19.15
C ASN B 281 13.90 11.26 18.49
N ALA B 282 13.50 12.53 18.49
CA ALA B 282 14.18 13.63 17.77
C ALA B 282 15.58 13.84 18.33
N ILE B 283 15.69 13.92 19.65
CA ILE B 283 16.97 14.16 20.36
C ILE B 283 17.89 12.96 20.11
N LEU B 284 17.34 11.74 20.17
CA LEU B 284 18.10 10.46 20.05
C LEU B 284 18.50 10.18 18.59
N LEU B 285 17.63 10.52 17.62
CA LEU B 285 17.76 10.09 16.20
C LEU B 285 19.16 10.33 15.66
N PRO B 286 19.71 11.57 15.69
CA PRO B 286 21.03 11.83 15.08
C PRO B 286 22.19 11.09 15.74
N HIS B 287 22.12 10.85 17.05
CA HIS B 287 23.18 10.15 17.83
C HIS B 287 23.17 8.65 17.49
N VAL B 288 21.98 8.07 17.34
CA VAL B 288 21.78 6.63 16.98
C VAL B 288 22.14 6.42 15.50
N MET B 289 21.89 7.41 14.65
CA MET B 289 22.26 7.37 13.22
C MET B 289 23.79 7.29 13.11
N ARG B 290 24.50 8.13 13.87
CA ARG B 290 25.99 8.13 13.95
C ARG B 290 26.47 6.76 14.42
N TYR B 291 25.83 6.19 15.44
CA TYR B 291 26.14 4.87 16.04
C TYR B 291 25.93 3.77 14.99
N ASN B 292 24.85 3.87 14.20
CA ASN B 292 24.46 2.85 13.19
C ASN B 292 25.25 2.99 11.89
N ALA B 293 25.86 4.15 11.64
CA ALA B 293 26.33 4.61 10.30
C ALA B 293 27.04 3.50 9.51
N ASP B 294 28.03 2.83 10.10
CA ASP B 294 28.94 1.88 9.40
C ASP B 294 28.23 0.54 9.12
N PHE B 295 26.96 0.40 9.49
CA PHE B 295 26.18 -0.86 9.39
C PHE B 295 24.94 -0.67 8.50
N THR B 296 24.91 0.37 7.65
CA THR B 296 23.71 0.79 6.87
C THR B 296 24.00 0.82 5.36
N GLY B 297 25.05 0.15 4.89
CA GLY B 297 25.46 0.15 3.47
C GLY B 297 25.42 1.55 2.88
N GLU B 298 24.77 1.73 1.73
CA GLU B 298 24.78 2.99 0.94
C GLU B 298 23.62 3.92 1.34
N LYS B 299 22.80 3.54 2.32
CA LYS B 299 21.44 4.11 2.52
C LYS B 299 21.50 5.56 3.01
N TYR B 300 22.58 5.99 3.68
CA TYR B 300 22.72 7.38 4.18
C TYR B 300 22.93 8.36 3.01
N ARG B 301 23.56 7.93 1.91
CA ARG B 301 23.64 8.72 0.64
C ARG B 301 22.23 9.16 0.22
N ASP B 302 21.32 8.20 0.14
CA ASP B 302 19.90 8.40 -0.25
C ASP B 302 19.23 9.37 0.73
N ILE B 303 19.34 9.10 2.04
CA ILE B 303 18.73 9.96 3.10
C ILE B 303 19.19 11.40 2.89
N ALA B 304 20.51 11.63 2.83
CA ALA B 304 21.15 12.95 2.69
C ALA B 304 20.65 13.64 1.41
N ARG B 305 20.61 12.91 0.28
CA ARG B 305 20.21 13.47 -1.04
C ARG B 305 18.78 14.01 -0.96
N VAL B 306 17.83 13.20 -0.48
CA VAL B 306 16.39 13.59 -0.46
C VAL B 306 16.15 14.64 0.63
N MET B 307 17.13 14.84 1.52
CA MET B 307 17.07 15.84 2.62
C MET B 307 17.73 17.16 2.19
N GLY B 308 18.14 17.25 0.92
CA GLY B 308 18.55 18.51 0.26
C GLY B 308 20.06 18.71 0.21
N VAL B 309 20.86 17.68 0.48
CA VAL B 309 22.35 17.75 0.48
C VAL B 309 22.87 17.26 -0.87
N LYS B 310 23.96 17.87 -1.37
CA LYS B 310 24.60 17.54 -2.66
C LYS B 310 25.64 16.43 -2.43
N VAL B 311 25.27 15.17 -2.68
CA VAL B 311 26.05 13.96 -2.27
C VAL B 311 26.91 13.46 -3.44
N GLU B 312 26.76 14.02 -4.65
CA GLU B 312 27.62 13.65 -5.81
C GLU B 312 29.04 14.16 -5.47
N GLY B 313 30.05 13.32 -5.69
CA GLY B 313 31.46 13.64 -5.37
C GLY B 313 31.81 13.45 -3.90
N MET B 314 30.86 13.01 -3.07
CA MET B 314 31.11 12.66 -1.64
C MET B 314 31.46 11.17 -1.54
N GLY B 315 32.45 10.84 -0.70
CA GLY B 315 32.74 9.46 -0.25
C GLY B 315 31.64 8.94 0.65
N LEU B 316 31.58 7.63 0.90
CA LEU B 316 30.51 6.99 1.71
C LEU B 316 30.50 7.62 3.12
N GLU B 317 31.67 7.73 3.77
CA GLU B 317 31.77 8.23 5.17
C GLU B 317 31.35 9.70 5.23
N GLU B 318 31.78 10.50 4.26
CA GLU B 318 31.45 11.95 4.17
C GLU B 318 29.93 12.14 4.02
N ALA B 319 29.28 11.31 3.20
CA ALA B 319 27.82 11.37 2.96
C ALA B 319 27.06 10.93 4.21
N ARG B 320 27.60 9.95 4.95
CA ARG B 320 27.01 9.45 6.22
C ARG B 320 26.99 10.59 7.24
N ASN B 321 28.03 11.43 7.26
CA ASN B 321 28.13 12.60 8.16
C ASN B 321 27.10 13.66 7.73
N ALA B 322 26.98 13.90 6.42
CA ALA B 322 26.03 14.86 5.83
C ALA B 322 24.58 14.50 6.24
N ALA B 323 24.24 13.21 6.25
CA ALA B 323 22.89 12.69 6.60
C ALA B 323 22.60 13.00 8.08
N VAL B 324 23.59 12.78 8.95
CA VAL B 324 23.49 13.02 10.41
C VAL B 324 23.35 14.53 10.64
N GLU B 325 24.17 15.34 9.95
CA GLU B 325 24.17 16.82 10.09
C GLU B 325 22.84 17.38 9.58
N ALA B 326 22.28 16.78 8.52
CA ALA B 326 20.98 17.19 7.96
C ALA B 326 19.91 17.04 9.04
N VAL B 327 19.98 15.99 9.86
CA VAL B 327 18.97 15.72 10.93
C VAL B 327 19.19 16.68 12.11
N PHE B 328 20.44 16.92 12.52
CA PHE B 328 20.78 17.94 13.56
C PHE B 328 20.17 19.30 13.14
N ALA B 329 20.42 19.70 11.89
CA ALA B 329 20.00 21.00 11.31
C ALA B 329 18.47 21.12 11.39
N LEU B 330 17.74 20.08 10.96
CA LEU B 330 16.25 20.10 10.94
C LEU B 330 15.73 20.25 12.37
N ASN B 331 16.30 19.50 13.32
CA ASN B 331 15.94 19.58 14.76
C ASN B 331 16.11 21.02 15.27
N ARG B 332 17.27 21.63 15.00
CA ARG B 332 17.56 23.05 15.34
C ARG B 332 16.49 23.96 14.74
N ASP B 333 16.09 23.71 13.49
CA ASP B 333 15.20 24.61 12.69
C ASP B 333 13.76 24.53 13.18
N VAL B 334 13.30 23.41 13.74
CA VAL B 334 11.89 23.25 14.21
C VAL B 334 11.84 23.37 15.74
N GLY B 335 12.97 23.77 16.36
CA GLY B 335 13.04 24.13 17.79
C GLY B 335 12.96 22.93 18.71
N ILE B 336 13.58 21.82 18.35
CA ILE B 336 13.75 20.64 19.25
C ILE B 336 15.13 20.76 19.90
N PRO B 337 15.21 20.72 21.25
CA PRO B 337 16.48 20.93 21.94
C PRO B 337 17.43 19.80 21.62
N PRO B 338 18.76 20.04 21.63
CA PRO B 338 19.74 19.02 21.22
C PRO B 338 20.16 17.97 22.27
N HIS B 339 19.76 18.11 23.55
CA HIS B 339 20.25 17.27 24.67
C HIS B 339 19.08 16.71 25.50
N LEU B 340 19.22 15.47 25.98
CA LEU B 340 18.17 14.77 26.77
C LEU B 340 17.94 15.48 28.11
N ARG B 341 18.98 16.10 28.69
CA ARG B 341 18.85 16.86 29.96
C ARG B 341 17.90 18.05 29.77
N ASP B 342 17.79 18.56 28.53
CA ASP B 342 16.92 19.72 28.17
C ASP B 342 15.44 19.37 28.40
N VAL B 343 15.06 18.08 28.36
CA VAL B 343 13.65 17.63 28.59
C VAL B 343 13.54 16.84 29.89
N GLY B 344 14.53 16.95 30.78
CA GLY B 344 14.45 16.53 32.20
C GLY B 344 14.84 15.08 32.42
N VAL B 345 15.54 14.44 31.48
CA VAL B 345 16.12 13.09 31.68
C VAL B 345 17.22 13.21 32.75
N ARG B 346 17.30 12.25 33.68
CA ARG B 346 18.20 12.30 34.86
C ARG B 346 19.36 11.33 34.66
N LYS B 347 20.58 11.83 34.85
CA LYS B 347 21.88 11.12 34.66
C LYS B 347 21.82 9.74 35.33
N GLU B 348 21.20 9.67 36.52
CA GLU B 348 21.21 8.52 37.45
C GLU B 348 20.35 7.37 36.90
N ASP B 349 19.35 7.69 36.07
CA ASP B 349 18.36 6.71 35.53
C ASP B 349 18.96 5.93 34.36
N ILE B 350 20.05 6.41 33.76
CA ILE B 350 20.57 5.90 32.46
C ILE B 350 20.75 4.38 32.52
N PRO B 351 21.42 3.81 33.55
CA PRO B 351 21.50 2.35 33.69
C PRO B 351 20.17 1.61 33.55
N ALA B 352 19.11 2.07 34.23
CA ALA B 352 17.76 1.46 34.19
C ALA B 352 17.14 1.72 32.81
N LEU B 353 17.40 2.90 32.24
CA LEU B 353 16.91 3.30 30.89
C LEU B 353 17.52 2.40 29.83
N ALA B 354 18.84 2.16 29.91
CA ALA B 354 19.60 1.33 28.93
C ALA B 354 19.08 -0.11 28.96
N GLN B 355 18.73 -0.63 30.14
CA GLN B 355 18.22 -2.01 30.32
C GLN B 355 16.83 -2.13 29.70
N ALA B 356 15.96 -1.15 29.94
CA ALA B 356 14.59 -1.10 29.38
C ALA B 356 14.67 -1.04 27.84
N ALA B 357 15.62 -0.25 27.32
CA ALA B 357 15.88 -0.08 25.87
C ALA B 357 16.29 -1.42 25.26
N LEU B 358 17.23 -2.13 25.89
CA LEU B 358 17.73 -3.44 25.40
C LEU B 358 16.56 -4.45 25.30
N ASP B 359 15.59 -4.38 26.22
CA ASP B 359 14.48 -5.35 26.33
C ASP B 359 13.32 -4.95 25.41
N ASP B 360 13.30 -3.72 24.91
CA ASP B 360 12.18 -3.20 24.07
C ASP B 360 12.19 -3.91 22.71
N VAL B 361 11.00 -4.27 22.21
CA VAL B 361 10.75 -5.01 20.94
C VAL B 361 11.52 -4.35 19.79
N CYS B 362 11.52 -3.02 19.72
CA CYS B 362 12.03 -2.20 18.59
C CYS B 362 13.54 -2.43 18.36
N THR B 363 14.27 -2.75 19.42
CA THR B 363 15.77 -2.78 19.45
C THR B 363 16.32 -3.92 18.58
N GLY B 364 15.57 -5.02 18.42
CA GLY B 364 15.98 -6.20 17.63
C GLY B 364 16.07 -5.90 16.13
N GLY B 365 15.43 -4.81 15.69
CA GLY B 365 15.43 -4.36 14.28
C GLY B 365 16.64 -3.51 13.93
N ASN B 366 17.37 -3.01 14.93
CA ASN B 366 18.49 -2.06 14.74
C ASN B 366 19.60 -2.76 13.96
N PRO B 367 20.16 -2.11 12.91
CA PRO B 367 21.11 -2.79 12.02
C PRO B 367 22.45 -3.13 12.69
N ARG B 368 22.92 -2.30 13.62
CA ARG B 368 24.08 -2.60 14.51
C ARG B 368 23.53 -3.27 15.77
N GLU B 369 24.07 -4.45 16.11
CA GLU B 369 23.69 -5.27 17.30
C GLU B 369 24.06 -4.48 18.56
N ALA B 370 23.05 -4.07 19.34
CA ALA B 370 23.19 -3.14 20.48
C ALA B 370 23.45 -3.93 21.77
N THR B 371 24.53 -3.57 22.50
CA THR B 371 24.87 -4.10 23.85
C THR B 371 24.38 -3.11 24.91
N LEU B 372 24.21 -3.58 26.15
CA LEU B 372 23.84 -2.73 27.32
C LEU B 372 24.78 -1.52 27.36
N GLU B 373 26.09 -1.76 27.26
CA GLU B 373 27.13 -0.72 27.45
C GLU B 373 27.09 0.29 26.28
N ASP B 374 26.74 -0.18 25.07
CA ASP B 374 26.51 0.68 23.87
C ASP B 374 25.38 1.67 24.15
N ILE B 375 24.25 1.20 24.67
CA ILE B 375 23.04 2.00 24.95
C ILE B 375 23.35 3.00 26.07
N VAL B 376 24.07 2.55 27.11
CA VAL B 376 24.55 3.41 28.23
C VAL B 376 25.32 4.59 27.64
N GLU B 377 26.31 4.31 26.77
CA GLU B 377 27.21 5.34 26.17
C GLU B 377 26.40 6.28 25.27
N LEU B 378 25.39 5.78 24.55
CA LEU B 378 24.51 6.58 23.66
C LEU B 378 23.69 7.57 24.49
N TYR B 379 23.06 7.11 25.58
CA TYR B 379 22.26 7.97 26.49
C TYR B 379 23.15 9.11 27.00
N HIS B 380 24.36 8.79 27.45
CA HIS B 380 25.35 9.77 27.98
C HIS B 380 25.65 10.83 26.91
N THR B 381 26.02 10.40 25.70
CA THR B 381 26.38 11.30 24.56
C THR B 381 25.19 12.19 24.18
N ALA B 382 23.97 11.64 24.28
CA ALA B 382 22.71 12.32 23.96
C ALA B 382 22.28 13.26 25.09
N TRP B 383 22.86 13.13 26.29
CA TRP B 383 22.40 13.78 27.55
C TRP B 383 22.96 15.19 27.67
N THR B 384 24.27 15.38 27.41
CA THR B 384 24.93 16.72 27.42
C THR B 384 26.17 16.73 26.53
N SER B 385 26.73 17.94 26.32
CA SER B 385 27.99 18.19 25.57
C SER B 385 29.16 18.24 26.57
N1 E9I C . -5.91 -4.38 -15.20
C7 E9I C . -8.86 -0.16 -16.02
C8 E9I C . -6.54 -4.08 -16.32
C9 E9I C . -8.99 -1.30 -11.51
O1 E9I C . -9.80 -0.91 -12.61
C1 E9I C . -8.45 -2.52 -15.65
C5 E9I C . -8.42 -1.40 -16.48
C6 E9I C . -9.31 -0.03 -14.72
C4 E9I C . -9.31 -1.15 -13.86
C3 E9I C . -8.87 -2.37 -14.34
O3 E9I C . -5.97 -3.96 -17.41
C2 E9I C . -8.08 -3.88 -16.19
O2 E9I C . -9.76 1.14 -14.18
C10 E9I C . -10.80 1.83 -14.86
H12 E9I C . -4.91 -4.55 -15.15
H13 E9I C . -6.41 -4.47 -14.31
H5 E9I C . -8.82 0.68 -16.71
H8 E9I C . -8.81 -0.37 -10.98
H6 E9I C . -8.04 -1.75 -11.81
H7 E9I C . -9.49 -2.04 -10.88
H4 E9I C . -8.08 -1.50 -17.51
H3 E9I C . -8.86 -3.24 -13.67
H2 E9I C . -8.45 -4.66 -15.52
H1 E9I C . -8.51 -4.03 -17.17
H11 E9I C . -11.62 1.85 -14.14
H9 E9I C . -11.12 1.34 -15.78
H10 E9I C . -10.50 2.83 -15.16
N1 APR D . 2.98 -20.86 -17.00
C2 APR D . 2.47 -21.26 -18.17
N3 APR D . 1.41 -20.78 -18.83
C4 APR D . 0.84 -19.78 -18.15
C5 APR D . 1.25 -19.26 -16.94
C6 APR D . 2.38 -19.84 -16.34
N6 APR D . 2.89 -19.44 -15.18
N7 APR D . 0.41 -18.22 -16.55
C8 APR D . -0.48 -18.13 -17.52
N9 APR D . -0.27 -19.06 -18.52
C1' APR D . -1.04 -19.23 -19.75
C2' APR D . -2.53 -19.41 -19.54
O2' APR D . -2.83 -20.77 -19.26
C3' APR D . -3.09 -18.95 -20.89
O3' APR D . -3.05 -20.02 -21.82
O4' APR D . -0.90 -18.06 -20.53
C4' APR D . -2.12 -17.82 -21.28
C5' APR D . -2.61 -16.42 -21.01
O5' APR D . -3.15 -16.33 -19.65
PA APR D . -3.97 -15.05 -19.18
O1A APR D . -4.49 -15.27 -17.80
O2A APR D . -4.94 -14.64 -20.25
O3A APR D . -2.82 -13.92 -19.09
PB APR D . -2.82 -12.42 -18.51
O1B APR D . -2.33 -12.47 -17.11
O2B APR D . -2.15 -11.53 -19.50
O5D APR D . -4.39 -12.09 -18.49
C5D APR D . -4.91 -10.99 -19.26
O4D APR D . -6.51 -9.96 -17.79
O1D APR D . -6.67 -7.67 -17.56
C1D APR D . -7.25 -8.79 -18.13
O2D APR D . -8.28 -8.00 -20.26
C2D APR D . -7.22 -8.72 -19.66
O3D APR D . -8.53 -10.80 -20.06
C3D APR D . -7.24 -10.21 -20.05
C4D APR D . -6.37 -10.82 -18.94
H2 APR D . 2.91 -21.97 -18.59
H61 APR D . 2.52 -18.78 -14.75
H62 APR D . 3.60 -19.84 -14.86
H8 APR D . -1.17 -17.49 -17.52
H'1 APR D . -0.68 -20.00 -20.24
H'2 APR D . -2.86 -18.82 -18.80
HO'2 APR D . -3.26 -21.09 -19.91
H'3 APR D . -4.00 -18.60 -20.78
HO'3 APR D . -2.49 -19.83 -22.43
H'4 APR D . -1.93 -17.89 -22.24
H5'1 APR D . -3.32 -16.17 -21.66
H5'2 APR D . -1.86 -15.77 -21.10
H5R1 APR D . -4.79 -11.18 -20.22
H5R2 APR D . -4.42 -10.16 -19.04
HOR1 APR D . -6.40 -7.15 -18.17
HR'1 APR D . -8.17 -8.87 -17.77
HOR2 APR D . -8.76 -8.51 -20.74
HR'2 APR D . -6.38 -8.28 -20.01
HOR3 APR D . -8.56 -11.39 -19.44
HR'3 APR D . -6.79 -10.35 -20.99
HR'4 APR D . -6.76 -11.75 -18.72
FE FE E . -3.91 -4.35 -18.45
N1 E9I F . 4.08 4.10 16.07
C7 E9I F . 7.23 -0.22 16.54
C8 E9I F . 4.99 3.58 16.87
C9 E9I F . 4.52 -2.84 14.49
O1 E9I F . 4.63 -1.43 14.32
C1 E9I F . 5.25 1.11 16.91
C5 E9I F . 6.58 0.82 17.18
C6 E9I F . 6.54 -0.98 15.61
C4 E9I F . 5.19 -0.71 15.32
C3 E9I F . 4.55 0.33 15.99
O3 E9I F . 6.10 4.07 17.04
C2 E9I F . 4.58 2.29 17.58
O2 E9I F . 7.08 -2.04 14.93
C10 E9I F . 7.61 -3.12 15.70
H12 E9I F . 4.24 4.96 15.54
H13 E9I F . 3.17 3.67 15.93
H5 E9I F . 8.28 -0.41 16.78
H8 E9I F . 3.44 -3.02 14.43
H6 E9I F . 4.91 -3.19 15.45
H7 E9I F . 5.06 -3.40 13.74
H4 E9I F . 7.13 1.41 17.91
H3 E9I F . 3.50 0.54 15.80
H2 E9I F . 3.50 2.18 17.53
H1 E9I F . 4.88 2.35 18.63
H11 E9I F . 7.01 -3.97 15.37
H9 E9I F . 7.53 -2.97 16.78
H10 E9I F . 8.67 -3.28 15.51
N1 APR G . -4.30 20.13 17.88
C2 APR G . -3.86 20.34 19.12
N3 APR G . -3.45 19.47 20.05
C4 APR G . -3.51 18.21 19.56
C5 APR G . -3.94 17.82 18.31
C6 APR G . -4.35 18.84 17.42
N6 APR G . -4.77 18.62 16.19
N7 APR G . -3.86 16.44 18.18
C8 APR G . -3.40 16.03 19.34
N9 APR G . -3.17 17.06 20.22
C1' APR G . -2.66 16.97 21.58
C2' APR G . -3.27 15.89 22.47
O2' APR G . -4.52 16.26 23.00
C3' APR G . -2.20 15.79 23.55
O3' APR G . -2.36 16.80 24.53
O4' APR G . -1.29 16.64 21.52
C4' APR G . -0.90 15.96 22.75
C5' APR G . -0.17 14.69 22.40
O5' APR G . -1.10 13.76 21.81
PA APR G . -0.64 12.26 21.50
O1A APR G . -1.77 11.53 20.85
O2A APR G . 0.02 11.69 22.70
O3A APR G . 0.51 12.52 20.39
PB APR G . 1.23 11.58 19.29
O1B APR G . 0.40 11.58 18.07
O2B APR G . 2.66 11.97 19.20
O5D APR G . 1.11 10.14 20.00
C5D APR G . 2.14 9.65 20.90
O4D APR G . 1.71 7.39 20.16
O1D APR G . 3.15 5.97 19.03
C1D APR G . 2.64 6.31 20.28
O2D APR G . 4.57 5.89 21.79
C2D APR G . 3.73 6.86 21.21
O3D APR G . 2.24 6.65 23.13
C3D APR G . 2.86 7.57 22.24
C4D APR G . 1.82 8.24 21.33
H2 APR G . -3.84 21.25 19.40
H61 APR G . -4.81 17.79 15.88
H62 APR G . -5.02 19.29 15.68
H8 APR G . -3.24 15.12 19.53
H'1 APR G . -2.76 17.85 22.01
H'2 APR G . -3.37 15.03 21.97
HO'2 APR G . -4.44 16.36 23.84
H'3 APR G . -2.23 14.89 23.98
HO'3 APR G . -1.70 17.33 24.48
H'4 APR G . -0.28 16.54 23.25
H5'1 APR G . 0.24 14.29 23.22
H5'2 APR G . 0.56 14.88 21.76
H5R1 APR G . 2.21 10.24 21.69
H5R2 APR G . 3.02 9.67 20.43
HOR1 APR G . 3.98 6.12 19.01
HR'1 APR G . 2.19 5.50 20.64
HOR2 APR G . 4.46 5.87 22.63
HR'2 APR G . 4.34 7.52 20.75
HOR3 APR G . 1.40 6.65 22.98
HR'3 APR G . 3.41 8.29 22.76
HR'4 APR G . 0.92 8.26 21.82
FE FE H . 7.05 6.31 16.79
#